data_8SDG
#
_entry.id   8SDG
#
_cell.length_a   311.948
_cell.length_b   83.786
_cell.length_c   74.150
_cell.angle_alpha   90.00
_cell.angle_beta   100.80
_cell.angle_gamma   90.00
#
_symmetry.space_group_name_H-M   'C 1 2 1'
#
loop_
_entity.id
_entity.type
_entity.pdbx_description
1 polymer 'Neutralizing antibody CC25.43 heavy chain'
2 polymer 'Neutralizing antibody CC25.43 light chain'
3 polymer 'Spike protein S1'
4 non-polymer 2-acetamido-2-deoxy-beta-D-glucopyranose
#
loop_
_entity_poly.entity_id
_entity_poly.type
_entity_poly.pdbx_seq_one_letter_code
_entity_poly.pdbx_strand_id
1 'polypeptide(L)'
;EVQLVESGGGLVQPGGSLKLSCSASGFTLSDSAMHWVRQASGKGLEWVGRISSNVNNDATVYAASLKGRFTISRDESKNM
AYLQMNSLKNEDTAVYYCTVVPVLEYYQYGMDVWGQGTTVTIFNQIKGPSVFPLAPSSKSTSGGTAALGCLVKDYFPEPV
TVSWNSGALTSGVHTFPAVLQSSGLYSLSSVVTVPSSSLGTQTYICNVNHKPSNTKVDKKVEPKSC
;
G,A
2 'polypeptide(L)'
;DIQLTQSPSTLSASVGDRVIITCRASQSISTWLAWYQQRPGQAPKLLIYKASILQSGVPPRFSGSGSGTDFTLTISRLQP
DDFATYYCQQYDSDSQPLTFGGGTKLEIKRTVAAPSVFIFPPSDEQLKSGTASVVCLLNNFYPREAKVQWKVDNALQSGN
SQESVTEQDSKDSTYSLSSTLTLSKADYEKHKVYACEVTQGTTSVTKSFNRGECS
;
I,B
3 'polypeptide(L)'
;TNLCPFGEVFNATRFASVYAWNRKRISNCVADYSVLYNSASFSTFKCYGVSPTKLNDLCFTNVYADSFVIRGDEVRQIAP
GQTGKIADYNYKLPDDFTGCVIAWNSNNLDSKVGGNYNYLYRLFRKSNLKPFERDISTEIYQAGSTPCNGVEGFNCYFPL
QSYGFQPTNGVGYQPYRVVVLSFELLHAPATVCGPKKSGHHHHHH
;
C,D
#
# COMPACT_ATOMS: atom_id res chain seq x y z
N GLU A 1 9.59 -3.98 12.72
CA GLU A 1 9.08 -3.41 11.49
C GLU A 1 9.10 -1.88 11.54
N VAL A 2 9.94 -1.34 12.42
CA VAL A 2 10.11 0.11 12.54
C VAL A 2 11.23 0.53 11.60
N GLN A 3 10.92 1.44 10.68
CA GLN A 3 11.86 1.86 9.65
C GLN A 3 11.97 3.38 9.65
N LEU A 4 13.01 3.87 8.97
CA LEU A 4 13.26 5.29 8.80
C LEU A 4 13.81 5.50 7.39
N VAL A 5 13.06 6.21 6.55
CA VAL A 5 13.42 6.42 5.16
C VAL A 5 13.67 7.90 4.94
N GLU A 6 14.80 8.23 4.31
CA GLU A 6 15.15 9.60 4.01
C GLU A 6 15.25 9.81 2.51
N SER A 7 15.20 11.07 2.10
CA SER A 7 15.25 11.43 0.69
C SER A 7 15.56 12.91 0.56
N GLY A 8 15.78 13.34 -0.68
CA GLY A 8 15.99 14.74 -0.99
C GLY A 8 17.41 15.13 -1.32
N GLY A 9 18.38 14.22 -1.20
CA GLY A 9 19.75 14.57 -1.49
C GLY A 9 20.05 14.60 -2.98
N GLY A 10 21.01 15.43 -3.35
CA GLY A 10 21.38 15.55 -4.75
C GLY A 10 22.44 16.61 -4.95
N LEU A 11 22.74 16.88 -6.22
CA LEU A 11 23.74 17.89 -6.56
C LEU A 11 23.25 19.28 -6.21
N VAL A 12 24.12 20.10 -5.63
CA VAL A 12 23.78 21.43 -5.17
C VAL A 12 24.95 22.37 -5.45
N GLN A 13 24.67 23.51 -6.08
CA GLN A 13 25.69 24.53 -6.28
C GLN A 13 26.03 25.19 -4.94
N PRO A 14 27.28 25.66 -4.78
CA PRO A 14 27.68 26.23 -3.48
C PRO A 14 26.90 27.51 -3.20
N GLY A 15 26.38 27.60 -1.98
CA GLY A 15 25.55 28.74 -1.58
C GLY A 15 24.08 28.59 -1.88
N GLY A 16 23.64 27.42 -2.35
CA GLY A 16 22.24 27.22 -2.68
C GLY A 16 21.41 26.81 -1.48
N SER A 17 20.52 25.84 -1.66
CA SER A 17 19.68 25.34 -0.58
C SER A 17 19.20 23.94 -0.91
N LEU A 18 18.87 23.19 0.13
CA LEU A 18 18.31 21.86 -0.03
C LEU A 18 17.55 21.49 1.25
N LYS A 19 16.49 20.68 1.07
CA LYS A 19 15.67 20.20 2.17
C LYS A 19 15.61 18.68 2.10
N LEU A 20 15.83 18.03 3.25
CA LEU A 20 15.70 16.59 3.35
C LEU A 20 14.50 16.22 4.20
N SER A 21 14.04 14.98 4.04
CA SER A 21 12.85 14.49 4.73
C SER A 21 13.12 13.08 5.23
N CYS A 22 12.98 12.89 6.54
CA CYS A 22 13.09 11.58 7.18
C CYS A 22 11.69 11.11 7.55
N SER A 23 11.20 10.09 6.83
CA SER A 23 9.85 9.58 7.04
C SER A 23 9.88 8.37 7.97
N ALA A 24 9.06 8.40 9.01
CA ALA A 24 8.98 7.31 9.97
C ALA A 24 7.89 6.32 9.56
N SER A 25 8.15 5.03 9.77
CA SER A 25 7.21 3.98 9.44
C SER A 25 7.16 2.97 10.58
N GLY A 26 5.94 2.64 11.03
CA GLY A 26 5.75 1.71 12.13
C GLY A 26 5.61 2.35 13.49
N PHE A 27 5.86 3.65 13.61
CA PHE A 27 5.70 4.35 14.88
C PHE A 27 5.55 5.84 14.60
N THR A 28 5.01 6.56 15.58
CA THR A 28 4.78 7.99 15.43
C THR A 28 6.05 8.74 15.81
N LEU A 29 6.55 9.56 14.87
CA LEU A 29 7.78 10.30 15.09
C LEU A 29 7.61 11.45 16.07
N SER A 30 6.38 11.89 16.32
CA SER A 30 6.15 13.05 17.16
C SER A 30 6.36 12.74 18.64
N ASP A 31 6.40 11.46 19.03
CA ASP A 31 6.48 11.11 20.44
C ASP A 31 7.92 11.16 20.96
N SER A 32 8.87 10.74 20.15
CA SER A 32 10.27 10.69 20.55
C SER A 32 11.08 11.78 19.86
N ALA A 33 12.26 12.05 20.40
CA ALA A 33 13.17 13.02 19.83
C ALA A 33 13.88 12.43 18.60
N MET A 34 14.19 13.30 17.65
CA MET A 34 14.81 12.91 16.39
C MET A 34 16.19 13.53 16.27
N HIS A 35 17.17 12.73 15.84
CA HIS A 35 18.55 13.16 15.72
C HIS A 35 18.98 13.12 14.26
N TRP A 36 19.79 14.10 13.86
CA TRP A 36 20.38 14.17 12.53
C TRP A 36 21.89 14.08 12.66
N VAL A 37 22.49 13.11 11.96
CA VAL A 37 23.92 12.85 12.05
C VAL A 37 24.48 12.71 10.63
N ARG A 38 25.61 13.37 10.37
CA ARG A 38 26.23 13.36 9.05
C ARG A 38 27.65 12.83 9.16
N GLN A 39 28.15 12.30 8.03
CA GLN A 39 29.50 11.75 7.98
C GLN A 39 30.05 11.95 6.57
N ALA A 40 31.20 12.61 6.47
CA ALA A 40 31.84 12.81 5.18
C ALA A 40 32.49 11.52 4.69
N SER A 41 32.89 11.53 3.42
CA SER A 41 33.50 10.35 2.81
C SER A 41 34.81 10.01 3.50
N GLY A 42 34.88 8.79 4.05
CA GLY A 42 36.06 8.34 4.74
C GLY A 42 36.38 9.05 6.03
N LYS A 43 35.47 9.88 6.54
CA LYS A 43 35.68 10.65 7.75
C LYS A 43 34.85 10.07 8.89
N GLY A 44 34.86 10.76 10.04
CA GLY A 44 34.11 10.31 11.19
C GLY A 44 32.72 10.89 11.28
N LEU A 45 31.97 10.41 12.27
CA LEU A 45 30.61 10.89 12.48
C LEU A 45 30.63 12.31 13.01
N GLU A 46 29.73 13.14 12.48
CA GLU A 46 29.60 14.53 12.89
C GLU A 46 28.14 14.79 13.27
N TRP A 47 27.90 15.07 14.54
CA TRP A 47 26.55 15.33 15.02
C TRP A 47 26.05 16.67 14.50
N VAL A 48 24.84 16.67 13.94
CA VAL A 48 24.28 17.87 13.29
C VAL A 48 23.35 18.61 14.25
N GLY A 49 22.27 17.96 14.67
CA GLY A 49 21.31 18.62 15.52
C GLY A 49 20.29 17.63 16.06
N ARG A 50 19.33 18.16 16.82
CA ARG A 50 18.30 17.33 17.41
C ARG A 50 17.01 18.14 17.55
N ILE A 51 15.89 17.48 17.28
CA ILE A 51 14.56 18.01 17.57
C ILE A 51 13.99 17.21 18.73
N SER A 52 13.26 17.89 19.61
CA SER A 52 12.68 17.25 20.77
C SER A 52 11.30 16.72 20.45
N SER A 53 10.63 16.17 21.46
CA SER A 53 9.27 15.67 21.30
C SER A 53 8.30 16.85 21.20
N ASN A 54 7.08 16.54 20.75
CA ASN A 54 6.03 17.55 20.71
C ASN A 54 5.70 18.06 22.11
N VAL A 55 5.84 17.19 23.12
CA VAL A 55 5.59 17.60 24.50
C VAL A 55 6.56 18.68 24.94
N ASN A 56 7.84 18.51 24.62
CA ASN A 56 8.86 19.48 24.99
C ASN A 56 8.91 20.68 24.05
N ASN A 57 7.87 20.87 23.23
CA ASN A 57 7.69 22.05 22.38
C ASN A 57 8.74 22.15 21.28
N ASP A 58 9.27 20.99 20.85
CA ASP A 58 10.13 20.91 19.66
C ASP A 58 11.36 21.82 19.80
N ALA A 59 12.18 21.51 20.80
CA ALA A 59 13.39 22.29 21.04
C ALA A 59 14.47 21.95 20.01
N THR A 60 15.18 22.97 19.56
CA THR A 60 16.18 22.86 18.50
C THR A 60 17.54 23.30 19.03
N VAL A 61 18.54 22.42 18.91
CA VAL A 61 19.93 22.77 19.18
C VAL A 61 20.78 22.33 17.99
N TYR A 62 21.77 23.15 17.64
CA TYR A 62 22.63 22.91 16.50
C TYR A 62 24.08 23.06 16.92
N ALA A 63 24.96 22.44 16.15
CA ALA A 63 26.39 22.54 16.40
C ALA A 63 26.89 23.96 16.11
N ALA A 64 27.98 24.32 16.79
CA ALA A 64 28.54 25.66 16.64
C ALA A 64 29.03 25.91 15.21
N SER A 65 29.64 24.89 14.60
CA SER A 65 30.18 25.05 13.25
C SER A 65 29.07 25.36 12.24
N LEU A 66 27.85 24.91 12.50
CA LEU A 66 26.71 25.16 11.63
C LEU A 66 25.94 26.39 12.13
N LYS A 67 26.62 27.54 12.11
CA LYS A 67 26.06 28.76 12.68
C LYS A 67 25.08 29.38 11.70
N GLY A 68 23.79 29.33 12.03
CA GLY A 68 22.78 30.07 11.29
C GLY A 68 22.46 29.56 9.91
N ARG A 69 22.91 28.36 9.55
CA ARG A 69 22.64 27.81 8.22
C ARG A 69 21.75 26.58 8.24
N PHE A 70 21.55 25.95 9.39
CA PHE A 70 20.77 24.71 9.48
C PHE A 70 19.56 24.92 10.37
N THR A 71 18.43 24.32 9.97
CA THR A 71 17.18 24.42 10.72
C THR A 71 16.45 23.10 10.63
N ILE A 72 16.07 22.54 11.77
CA ILE A 72 15.34 21.28 11.82
C ILE A 72 13.87 21.58 12.07
N SER A 73 13.00 21.00 11.22
CA SER A 73 11.56 21.12 11.35
C SER A 73 10.94 19.73 11.22
N ARG A 74 9.62 19.66 11.39
CA ARG A 74 8.91 18.39 11.31
C ARG A 74 7.46 18.64 10.89
N ASP A 75 6.80 17.57 10.48
CA ASP A 75 5.43 17.60 9.99
C ASP A 75 4.68 16.45 10.64
N GLU A 76 3.83 16.75 11.62
CA GLU A 76 3.07 15.72 12.30
C GLU A 76 1.99 15.13 11.40
N SER A 77 1.53 15.89 10.41
CA SER A 77 0.48 15.39 9.52
C SER A 77 0.98 14.26 8.63
N LYS A 78 2.25 14.32 8.21
CA LYS A 78 2.83 13.30 7.35
C LYS A 78 3.81 12.39 8.07
N ASN A 79 4.02 12.58 9.38
CA ASN A 79 4.93 11.77 10.17
C ASN A 79 6.34 11.78 9.60
N MET A 80 6.85 12.99 9.36
CA MET A 80 8.16 13.17 8.75
C MET A 80 8.93 14.27 9.48
N ALA A 81 10.25 14.22 9.37
CA ALA A 81 11.14 15.21 9.93
C ALA A 81 11.94 15.88 8.80
N TYR A 82 12.26 17.15 9.00
CA TYR A 82 12.87 17.97 7.95
C TYR A 82 14.26 18.43 8.38
N LEU A 83 15.11 18.71 7.38
CA LEU A 83 16.43 19.30 7.60
C LEU A 83 16.63 20.41 6.58
N GLN A 84 16.76 21.65 7.06
CA GLN A 84 16.97 22.83 6.22
C GLN A 84 18.45 23.20 6.23
N MET A 85 18.97 23.51 5.05
CA MET A 85 20.36 23.91 4.88
C MET A 85 20.45 25.15 4.00
N ASN A 86 21.17 26.17 4.49
CA ASN A 86 21.51 27.38 3.75
C ASN A 86 23.02 27.50 3.61
N SER A 87 23.42 28.31 2.64
CA SER A 87 24.82 28.69 2.43
C SER A 87 25.71 27.45 2.38
N LEU A 88 25.46 26.59 1.40
CA LEU A 88 26.15 25.32 1.33
C LEU A 88 27.58 25.49 0.81
N LYS A 89 28.46 24.62 1.32
CA LYS A 89 29.87 24.61 0.95
C LYS A 89 30.43 23.24 1.30
N ASN A 90 31.68 23.00 0.92
CA ASN A 90 32.25 21.67 0.81
C ASN A 90 32.25 20.88 2.12
N GLU A 91 32.13 21.55 3.27
CA GLU A 91 32.03 20.77 4.51
C GLU A 91 30.77 19.91 4.52
N ASP A 92 29.72 20.35 3.81
CA ASP A 92 28.43 19.69 3.85
C ASP A 92 28.32 18.50 2.92
N THR A 93 29.29 18.28 2.03
CA THR A 93 29.27 17.10 1.16
C THR A 93 29.51 15.88 2.05
N ALA A 94 28.44 15.15 2.36
CA ALA A 94 28.52 14.03 3.29
C ALA A 94 27.27 13.18 3.13
N VAL A 95 27.22 12.09 3.88
CA VAL A 95 26.03 11.23 3.96
C VAL A 95 25.32 11.57 5.25
N TYR A 96 24.06 11.98 5.15
CA TYR A 96 23.29 12.45 6.28
C TYR A 96 22.34 11.36 6.74
N TYR A 97 22.34 11.09 8.05
CA TYR A 97 21.53 10.03 8.64
C TYR A 97 20.50 10.64 9.57
N CYS A 98 19.27 10.13 9.49
CA CYS A 98 18.25 10.45 10.47
C CYS A 98 18.13 9.25 11.41
N THR A 99 18.14 9.52 12.71
CA THR A 99 18.09 8.46 13.71
C THR A 99 17.24 8.91 14.88
N VAL A 100 16.55 7.94 15.48
CA VAL A 100 15.75 8.13 16.68
C VAL A 100 16.34 7.22 17.74
N VAL A 101 17.09 7.79 18.67
CA VAL A 101 17.65 7.03 19.78
C VAL A 101 17.06 7.62 21.06
N PRO A 102 16.25 6.85 21.81
CA PRO A 102 15.64 7.39 23.02
C PRO A 102 16.55 7.41 24.24
N VAL A 103 17.71 6.76 24.17
CA VAL A 103 18.59 6.72 25.34
C VAL A 103 19.33 8.04 25.50
N LEU A 104 19.70 8.70 24.40
CA LEU A 104 20.38 9.99 24.52
C LEU A 104 19.49 11.06 25.13
N GLU A 105 18.19 10.80 25.23
CA GLU A 105 17.26 11.65 25.96
C GLU A 105 17.16 11.25 27.41
N TYR A 106 18.16 10.53 27.92
CA TYR A 106 18.31 10.17 29.33
C TYR A 106 17.28 9.15 29.80
N TYR A 107 16.72 8.36 28.88
CA TYR A 107 15.86 7.25 29.24
C TYR A 107 16.72 6.07 29.70
N GLN A 108 16.06 4.95 30.03
CA GLN A 108 16.77 3.75 30.47
C GLN A 108 16.97 2.75 29.34
N TYR A 109 15.89 2.31 28.69
CA TYR A 109 15.98 1.34 27.61
C TYR A 109 15.28 1.86 26.36
N GLY A 110 15.82 1.50 25.21
CA GLY A 110 15.26 1.93 23.96
C GLY A 110 15.75 1.09 22.79
N MET A 111 15.57 1.64 21.59
CA MET A 111 15.97 0.98 20.36
C MET A 111 16.73 1.98 19.49
N ASP A 112 17.72 1.48 18.74
CA ASP A 112 18.54 2.30 17.86
C ASP A 112 18.08 2.11 16.42
N VAL A 113 17.05 2.87 16.04
CA VAL A 113 16.55 2.86 14.67
C VAL A 113 17.27 3.93 13.87
N TRP A 114 17.76 3.54 12.69
CA TRP A 114 18.54 4.42 11.83
C TRP A 114 17.95 4.43 10.43
N GLY A 115 18.33 5.45 9.66
CA GLY A 115 17.99 5.51 8.25
C GLY A 115 19.12 4.97 7.39
N GLN A 116 18.84 4.93 6.08
CA GLN A 116 19.81 4.44 5.10
C GLN A 116 20.80 5.50 4.64
N GLY A 117 20.56 6.77 4.95
CA GLY A 117 21.45 7.83 4.53
C GLY A 117 21.11 8.41 3.16
N THR A 118 21.27 9.71 3.00
CA THR A 118 21.03 10.39 1.73
C THR A 118 22.25 11.24 1.41
N THR A 119 22.96 10.88 0.33
CA THR A 119 24.17 11.60 -0.04
C THR A 119 23.84 12.99 -0.54
N VAL A 120 24.47 14.00 0.05
CA VAL A 120 24.36 15.38 -0.41
C VAL A 120 25.71 15.76 -1.00
N THR A 121 25.72 16.13 -2.27
CA THR A 121 26.95 16.45 -3.00
C THR A 121 26.88 17.89 -3.46
N ILE A 122 27.94 18.65 -3.17
CA ILE A 122 28.04 20.05 -3.54
C ILE A 122 29.07 20.16 -4.66
N PHE A 123 28.66 20.72 -5.79
CA PHE A 123 29.49 20.80 -6.98
C PHE A 123 29.55 22.24 -7.48
N ASN A 124 30.68 22.59 -8.08
CA ASN A 124 30.83 23.85 -8.80
C ASN A 124 30.77 23.66 -10.32
N GLN A 125 31.28 22.54 -10.82
CA GLN A 125 31.19 22.20 -12.24
C GLN A 125 30.90 20.72 -12.36
N ILE A 126 30.43 20.32 -13.54
CA ILE A 126 30.20 18.91 -13.87
C ILE A 126 31.14 18.56 -15.02
N LYS A 127 32.01 17.57 -14.78
CA LYS A 127 32.94 17.10 -15.80
C LYS A 127 32.87 15.60 -15.90
N GLY A 128 32.86 15.09 -17.12
CA GLY A 128 32.80 13.67 -17.36
C GLY A 128 34.16 13.01 -17.30
N PRO A 129 34.18 11.70 -17.07
CA PRO A 129 35.46 10.99 -16.92
C PRO A 129 36.06 10.53 -18.24
N SER A 130 37.39 10.57 -18.31
CA SER A 130 38.14 9.99 -19.40
C SER A 130 38.69 8.65 -18.95
N VAL A 131 38.52 7.62 -19.78
CA VAL A 131 38.89 6.25 -19.43
C VAL A 131 39.99 5.80 -20.37
N PHE A 132 41.17 5.50 -19.81
CA PHE A 132 42.28 4.98 -20.58
C PHE A 132 42.63 3.58 -20.12
N PRO A 133 43.04 2.71 -21.03
CA PRO A 133 43.31 1.31 -20.66
C PRO A 133 44.69 1.13 -20.04
N LEU A 134 44.75 0.26 -19.04
CA LEU A 134 46.01 -0.22 -18.48
C LEU A 134 46.32 -1.55 -19.15
N ALA A 135 47.17 -1.52 -20.17
CA ALA A 135 47.43 -2.69 -20.99
C ALA A 135 48.01 -3.81 -20.14
N PRO A 136 47.62 -5.07 -20.39
CA PRO A 136 48.11 -6.17 -19.55
C PRO A 136 49.62 -6.31 -19.60
N SER A 137 50.19 -6.66 -18.46
CA SER A 137 51.64 -6.87 -18.31
C SER A 137 51.87 -8.37 -18.21
N SER A 138 52.36 -8.97 -19.28
CA SER A 138 52.62 -10.40 -19.32
C SER A 138 53.83 -10.73 -20.19
N GLY A 143 54.10 -14.76 -17.89
CA GLY A 143 54.01 -15.42 -16.60
C GLY A 143 52.73 -16.22 -16.44
N GLY A 144 52.38 -16.51 -15.17
CA GLY A 144 51.16 -17.22 -14.88
C GLY A 144 49.95 -16.33 -14.84
N THR A 145 50.02 -15.26 -14.03
CA THR A 145 48.93 -14.30 -13.92
C THR A 145 49.40 -12.93 -14.38
N ALA A 146 48.47 -12.15 -14.92
CA ALA A 146 48.76 -10.82 -15.43
C ALA A 146 47.82 -9.81 -14.77
N ALA A 147 48.12 -8.53 -14.98
CA ALA A 147 47.34 -7.45 -14.40
C ALA A 147 46.92 -6.48 -15.50
N LEU A 148 45.63 -6.15 -15.52
CA LEU A 148 45.09 -5.16 -16.44
C LEU A 148 44.04 -4.34 -15.70
N GLY A 149 43.68 -3.21 -16.29
CA GLY A 149 42.69 -2.37 -15.66
C GLY A 149 42.37 -1.16 -16.50
N CYS A 150 41.64 -0.23 -15.87
CA CYS A 150 41.22 1.01 -16.50
C CYS A 150 41.57 2.17 -15.58
N LEU A 151 42.06 3.26 -16.17
CA LEU A 151 42.35 4.49 -15.44
C LEU A 151 41.24 5.50 -15.75
N VAL A 152 40.59 6.00 -14.69
CA VAL A 152 39.49 6.95 -14.82
C VAL A 152 39.98 8.30 -14.31
N LYS A 153 40.25 9.21 -15.24
CA LYS A 153 40.91 10.47 -14.93
C LYS A 153 39.99 11.66 -15.22
N ASP A 154 40.13 12.71 -14.42
CA ASP A 154 39.58 14.03 -14.68
C ASP A 154 38.04 14.00 -14.79
N TYR A 155 37.42 13.67 -13.66
CA TYR A 155 35.97 13.73 -13.52
C TYR A 155 35.60 14.48 -12.25
N PHE A 156 34.38 15.05 -12.25
CA PHE A 156 33.88 15.81 -11.12
C PHE A 156 32.38 16.00 -11.28
N PRO A 157 31.58 15.84 -10.20
CA PRO A 157 32.04 15.43 -8.89
C PRO A 157 31.93 13.92 -8.68
N GLU A 158 32.08 13.48 -7.44
CA GLU A 158 31.95 12.07 -7.10
C GLU A 158 30.48 11.66 -7.18
N PRO A 159 30.20 10.35 -7.30
CA PRO A 159 31.12 9.22 -7.44
C PRO A 159 31.13 8.59 -8.83
N VAL A 160 31.97 7.58 -9.01
CA VAL A 160 31.95 6.73 -10.18
C VAL A 160 31.88 5.28 -9.68
N THR A 161 31.31 4.42 -10.51
CA THR A 161 31.22 3.00 -10.23
C THR A 161 31.82 2.24 -11.40
N VAL A 162 32.72 1.30 -11.10
CA VAL A 162 33.42 0.54 -12.11
C VAL A 162 33.01 -0.92 -11.96
N SER A 163 32.62 -1.53 -13.08
CA SER A 163 32.35 -2.95 -13.15
C SER A 163 33.14 -3.53 -14.32
N TRP A 164 33.33 -4.85 -14.29
CA TRP A 164 34.09 -5.55 -15.30
C TRP A 164 33.21 -6.60 -15.96
N ASN A 165 33.13 -6.56 -17.29
CA ASN A 165 32.30 -7.48 -18.06
C ASN A 165 30.85 -7.47 -17.56
N SER A 166 30.35 -6.25 -17.30
CA SER A 166 28.97 -6.03 -16.84
C SER A 166 28.65 -6.83 -15.58
N GLY A 167 29.63 -6.92 -14.67
CA GLY A 167 29.44 -7.58 -13.40
C GLY A 167 29.78 -9.06 -13.40
N ALA A 168 30.07 -9.65 -14.56
CA ALA A 168 30.40 -11.07 -14.62
C ALA A 168 31.73 -11.36 -13.93
N LEU A 169 32.73 -10.51 -14.13
CA LEU A 169 34.05 -10.69 -13.54
C LEU A 169 34.14 -9.85 -12.27
N THR A 170 34.30 -10.51 -11.12
CA THR A 170 34.36 -9.80 -9.85
C THR A 170 35.54 -10.27 -9.01
N SER A 171 35.97 -11.50 -9.22
CA SER A 171 37.05 -12.06 -8.42
C SER A 171 38.38 -11.45 -8.84
N GLY A 172 39.15 -10.99 -7.86
CA GLY A 172 40.44 -10.40 -8.14
C GLY A 172 40.38 -8.98 -8.64
N VAL A 173 39.28 -8.27 -8.41
CA VAL A 173 39.10 -6.90 -8.86
C VAL A 173 39.36 -5.96 -7.69
N HIS A 174 40.15 -4.92 -7.91
CA HIS A 174 40.44 -3.92 -6.90
C HIS A 174 40.18 -2.55 -7.50
N THR A 175 39.12 -1.88 -7.04
CA THR A 175 38.80 -0.53 -7.46
C THR A 175 39.19 0.42 -6.34
N PHE A 176 40.16 1.29 -6.62
CA PHE A 176 40.73 2.13 -5.58
C PHE A 176 39.85 3.35 -5.33
N PRO A 177 39.86 3.87 -4.10
CA PRO A 177 39.13 5.10 -3.83
C PRO A 177 39.71 6.26 -4.62
N ALA A 178 38.85 7.23 -4.94
CA ALA A 178 39.26 8.36 -5.76
C ALA A 178 40.27 9.23 -5.03
N VAL A 179 41.10 9.94 -5.81
CA VAL A 179 42.10 10.86 -5.30
C VAL A 179 41.83 12.23 -5.92
N LEU A 180 41.87 13.28 -5.10
CA LEU A 180 41.68 14.64 -5.58
C LEU A 180 43.01 15.18 -6.09
N GLN A 181 43.10 15.40 -7.41
CA GLN A 181 44.33 15.91 -8.00
C GLN A 181 44.44 17.41 -7.78
N SER A 182 45.56 17.98 -8.24
CA SER A 182 45.79 19.42 -8.08
C SER A 182 44.84 20.23 -8.95
N SER A 183 44.37 19.66 -10.06
CA SER A 183 43.46 20.36 -10.96
C SER A 183 42.06 20.51 -10.40
N GLY A 184 41.76 19.86 -9.26
CA GLY A 184 40.45 19.88 -8.68
C GLY A 184 39.54 18.76 -9.14
N LEU A 185 39.93 18.01 -10.15
CA LEU A 185 39.17 16.86 -10.61
C LEU A 185 39.65 15.59 -9.92
N TYR A 186 38.77 14.60 -9.87
CA TYR A 186 39.08 13.34 -9.21
C TYR A 186 39.68 12.35 -10.20
N SER A 187 40.50 11.45 -9.67
CA SER A 187 41.10 10.38 -10.46
C SER A 187 40.95 9.07 -9.71
N LEU A 188 40.91 7.98 -10.48
CA LEU A 188 40.61 6.67 -9.91
C LEU A 188 41.23 5.61 -10.80
N SER A 189 41.50 4.45 -10.20
CA SER A 189 42.04 3.31 -10.93
C SER A 189 41.26 2.06 -10.52
N SER A 190 41.14 1.13 -11.46
CA SER A 190 40.51 -0.16 -11.20
C SER A 190 41.30 -1.23 -11.94
N VAL A 191 41.70 -2.27 -11.21
CA VAL A 191 42.56 -3.31 -11.77
C VAL A 191 41.98 -4.67 -11.43
N VAL A 192 42.34 -5.66 -12.23
CA VAL A 192 41.94 -7.05 -12.04
C VAL A 192 43.10 -7.95 -12.44
N THR A 193 43.32 -9.01 -11.66
CA THR A 193 44.36 -9.99 -11.96
C THR A 193 43.72 -11.22 -12.59
N VAL A 194 44.19 -11.60 -13.77
CA VAL A 194 43.64 -12.72 -14.52
C VAL A 194 44.78 -13.60 -15.00
N PRO A 195 44.51 -14.87 -15.28
CA PRO A 195 45.54 -15.74 -15.85
C PRO A 195 46.03 -15.21 -17.20
N SER A 196 47.34 -15.33 -17.43
CA SER A 196 47.92 -14.84 -18.67
C SER A 196 47.55 -15.71 -19.87
N SER A 197 47.11 -16.94 -19.65
CA SER A 197 46.74 -17.81 -20.77
C SER A 197 45.43 -17.37 -21.41
N SER A 198 44.57 -16.69 -20.65
CA SER A 198 43.27 -16.24 -21.14
C SER A 198 43.32 -14.84 -21.75
N LEU A 199 44.52 -14.29 -21.96
CA LEU A 199 44.62 -12.94 -22.48
C LEU A 199 44.15 -12.85 -23.93
N GLY A 200 44.57 -13.80 -24.77
CA GLY A 200 44.17 -13.77 -26.16
C GLY A 200 42.79 -14.32 -26.46
N THR A 201 42.19 -15.03 -25.51
CA THR A 201 40.89 -15.67 -25.71
C THR A 201 39.75 -14.89 -25.07
N GLN A 202 39.84 -14.59 -23.77
CA GLN A 202 38.76 -13.94 -23.04
C GLN A 202 38.86 -12.42 -23.21
N THR A 203 37.72 -11.79 -23.48
CA THR A 203 37.65 -10.34 -23.61
C THR A 203 37.41 -9.71 -22.24
N TYR A 204 37.98 -8.51 -22.05
CA TYR A 204 37.89 -7.79 -20.78
C TYR A 204 37.36 -6.39 -21.04
N ILE A 205 36.24 -6.06 -20.41
CA ILE A 205 35.55 -4.78 -20.60
C ILE A 205 35.33 -4.16 -19.22
N CYS A 206 35.73 -2.92 -19.05
CA CYS A 206 35.43 -2.16 -17.83
C CYS A 206 34.29 -1.19 -18.09
N ASN A 207 33.40 -1.05 -17.09
CA ASN A 207 32.18 -0.27 -17.22
C ASN A 207 32.21 0.85 -16.18
N VAL A 208 32.46 2.08 -16.64
CA VAL A 208 32.50 3.25 -15.76
C VAL A 208 31.20 4.02 -15.93
N ASN A 209 30.53 4.29 -14.81
CA ASN A 209 29.29 5.04 -14.80
C ASN A 209 29.44 6.28 -13.92
N HIS A 210 29.12 7.44 -14.48
CA HIS A 210 29.19 8.72 -13.78
C HIS A 210 27.80 9.35 -13.80
N LYS A 211 27.02 9.11 -12.74
CA LYS A 211 25.66 9.64 -12.68
C LYS A 211 25.58 11.16 -12.78
N PRO A 212 26.41 11.95 -12.10
CA PRO A 212 26.25 13.41 -12.21
C PRO A 212 26.34 13.95 -13.63
N SER A 213 27.12 13.31 -14.49
CA SER A 213 27.19 13.71 -15.89
C SER A 213 26.36 12.82 -16.81
N ASN A 214 25.67 11.83 -16.25
CA ASN A 214 24.84 10.90 -17.03
C ASN A 214 25.66 10.23 -18.13
N THR A 215 26.91 9.88 -17.82
CA THR A 215 27.84 9.28 -18.78
C THR A 215 28.14 7.84 -18.37
N LYS A 216 28.26 6.97 -19.36
CA LYS A 216 28.63 5.58 -19.16
C LYS A 216 29.66 5.20 -20.22
N VAL A 217 30.84 4.78 -19.77
CA VAL A 217 31.94 4.47 -20.68
C VAL A 217 32.26 2.98 -20.56
N ASP A 218 32.45 2.33 -21.70
CA ASP A 218 32.86 0.93 -21.77
C ASP A 218 34.16 0.85 -22.55
N LYS A 219 35.24 0.42 -21.89
CA LYS A 219 36.57 0.39 -22.46
C LYS A 219 37.05 -1.04 -22.60
N LYS A 220 37.60 -1.38 -23.77
CA LYS A 220 38.12 -2.71 -24.05
C LYS A 220 39.63 -2.71 -23.83
N VAL A 221 40.06 -3.40 -22.77
CA VAL A 221 41.48 -3.49 -22.42
C VAL A 221 42.08 -4.66 -23.18
N GLU A 222 42.98 -4.36 -24.11
CA GLU A 222 43.66 -5.37 -24.91
C GLU A 222 45.16 -5.13 -24.88
N PRO A 223 45.97 -6.18 -25.10
CA PRO A 223 47.44 -6.05 -25.17
C PRO A 223 47.90 -5.01 -26.20
N ASP B 1 32.13 24.10 24.88
CA ASP B 1 32.07 22.87 24.09
C ASP B 1 32.98 21.79 24.69
N ILE B 2 32.73 20.55 24.33
CA ILE B 2 33.49 19.40 24.82
C ILE B 2 33.96 18.59 23.62
N GLN B 3 35.26 18.32 23.56
CA GLN B 3 35.86 17.54 22.49
C GLN B 3 36.25 16.17 23.01
N LEU B 4 35.96 15.13 22.23
CA LEU B 4 36.24 13.75 22.59
C LEU B 4 37.41 13.23 21.76
N THR B 5 38.40 12.66 22.43
CA THR B 5 39.59 12.11 21.79
C THR B 5 39.61 10.60 22.00
N GLN B 6 39.71 9.85 20.90
CA GLN B 6 39.78 8.41 20.94
C GLN B 6 41.21 7.96 20.74
N SER B 7 41.68 7.06 21.59
CA SER B 7 43.04 6.56 21.52
C SER B 7 43.02 5.03 21.54
N PRO B 8 43.68 4.36 20.57
CA PRO B 8 44.39 5.03 19.48
C PRO B 8 43.47 5.31 18.29
N SER B 9 44.03 5.85 17.21
CA SER B 9 43.24 6.04 16.00
C SER B 9 43.00 4.74 15.26
N THR B 10 43.93 3.79 15.34
CA THR B 10 43.76 2.49 14.72
C THR B 10 44.71 1.50 15.38
N LEU B 11 44.31 0.24 15.39
CA LEU B 11 45.15 -0.83 15.92
C LEU B 11 44.76 -2.13 15.24
N SER B 12 45.65 -3.12 15.33
CA SER B 12 45.48 -4.41 14.69
C SER B 12 45.50 -5.52 15.72
N ALA B 13 44.66 -6.53 15.51
CA ALA B 13 44.59 -7.68 16.42
C ALA B 13 43.97 -8.85 15.67
N SER B 14 44.31 -10.06 16.13
CA SER B 14 43.83 -11.29 15.52
C SER B 14 42.48 -11.67 16.13
N VAL B 15 42.01 -12.87 15.86
CA VAL B 15 40.72 -13.31 16.39
C VAL B 15 40.91 -13.84 17.80
N GLY B 16 40.02 -13.44 18.71
CA GLY B 16 40.01 -13.96 20.07
C GLY B 16 40.93 -13.28 21.06
N ASP B 17 41.31 -12.02 20.83
CA ASP B 17 42.16 -11.29 21.76
C ASP B 17 41.38 -10.18 22.45
N ARG B 18 41.82 -9.84 23.65
CA ARG B 18 41.22 -8.73 24.40
C ARG B 18 41.79 -7.41 23.91
N VAL B 19 40.89 -6.47 23.58
CA VAL B 19 41.28 -5.18 23.03
C VAL B 19 40.59 -4.07 23.81
N ILE B 20 41.35 -3.03 24.17
CA ILE B 20 40.85 -1.89 24.92
C ILE B 20 40.78 -0.68 23.98
N ILE B 21 39.78 0.17 24.18
CA ILE B 21 39.62 1.41 23.43
C ILE B 21 39.27 2.51 24.41
N THR B 22 40.04 3.59 24.41
CA THR B 22 39.89 4.69 25.35
C THR B 22 39.31 5.92 24.66
N CYS B 23 38.38 6.59 25.35
CA CYS B 23 37.74 7.81 24.86
C CYS B 23 37.81 8.85 25.97
N ARG B 24 38.64 9.88 25.77
CA ARG B 24 38.89 10.90 26.78
C ARG B 24 38.16 12.20 26.43
N ALA B 25 37.58 12.83 27.44
CA ALA B 25 36.80 14.05 27.29
C ALA B 25 37.58 15.25 27.82
N SER B 26 37.22 16.44 27.31
CA SER B 26 37.82 17.67 27.81
C SER B 26 37.31 17.99 29.21
N GLN B 27 36.00 18.17 29.35
CA GLN B 27 35.35 18.39 30.64
C GLN B 27 34.71 17.10 31.12
N SER B 28 34.61 16.97 32.44
CA SER B 28 33.98 15.79 33.04
C SER B 28 32.51 15.72 32.65
N ILE B 29 32.12 14.61 32.04
CA ILE B 29 30.77 14.42 31.51
C ILE B 29 29.90 13.58 32.44
N SER B 30 30.41 13.21 33.61
CA SER B 30 29.79 12.23 34.51
C SER B 30 29.78 10.86 33.85
N THR B 31 28.61 10.36 33.46
CA THR B 31 28.49 9.02 32.91
C THR B 31 27.77 8.98 31.56
N TRP B 32 27.51 10.14 30.95
CA TRP B 32 26.78 10.23 29.68
C TRP B 32 27.72 9.93 28.51
N LEU B 33 27.89 8.65 28.23
CA LEU B 33 28.71 8.24 27.10
C LEU B 33 28.09 7.03 26.43
N ALA B 34 28.18 7.00 25.11
CA ALA B 34 27.63 5.92 24.30
C ALA B 34 28.70 5.45 23.32
N TRP B 35 28.59 4.18 22.91
CA TRP B 35 29.54 3.57 22.00
C TRP B 35 28.82 3.07 20.76
N TYR B 36 29.44 3.28 19.60
CA TYR B 36 28.88 2.88 18.32
C TYR B 36 29.89 2.07 17.53
N GLN B 37 29.38 1.27 16.60
CA GLN B 37 30.19 0.51 15.67
C GLN B 37 29.61 0.68 14.27
N GLN B 38 30.50 0.81 13.28
CA GLN B 38 30.08 1.13 11.91
C GLN B 38 30.83 0.23 10.93
N ARG B 39 30.10 -0.67 10.29
CA ARG B 39 30.64 -1.45 9.18
C ARG B 39 30.65 -0.61 7.91
N PRO B 40 31.51 -0.95 6.96
CA PRO B 40 31.62 -0.13 5.73
C PRO B 40 30.30 -0.03 4.99
N GLY B 41 29.96 1.20 4.57
CA GLY B 41 28.72 1.43 3.83
C GLY B 41 27.48 1.03 4.59
N GLN B 42 27.47 1.22 5.91
CA GLN B 42 26.40 0.73 6.76
C GLN B 42 26.09 1.76 7.83
N ALA B 43 24.86 1.72 8.33
CA ALA B 43 24.46 2.61 9.40
C ALA B 43 25.07 2.14 10.72
N PRO B 44 25.48 3.06 11.59
CA PRO B 44 26.09 2.66 12.87
C PRO B 44 25.07 2.01 13.79
N LYS B 45 25.52 0.98 14.49
CA LYS B 45 24.72 0.34 15.53
C LYS B 45 25.07 0.94 16.89
N LEU B 46 24.07 1.04 17.76
CA LEU B 46 24.32 1.47 19.13
C LEU B 46 24.74 0.25 19.94
N LEU B 47 25.82 0.42 20.70
CA LEU B 47 26.46 -0.69 21.39
C LEU B 47 26.37 -0.57 22.91
N ILE B 48 26.92 0.49 23.46
CA ILE B 48 26.94 0.76 24.89
C ILE B 48 26.25 2.10 25.09
N TYR B 49 25.42 2.19 26.12
CA TYR B 49 24.83 3.46 26.49
C TYR B 49 25.03 3.69 27.98
N LYS B 50 25.17 4.97 28.36
CA LYS B 50 25.49 5.37 29.73
C LYS B 50 26.80 4.76 30.21
N ALA B 51 27.63 4.35 29.26
CA ALA B 51 29.01 3.89 29.44
C ALA B 51 29.13 2.50 30.04
N SER B 52 28.03 1.89 30.48
CA SER B 52 28.14 0.58 31.12
C SER B 52 27.09 -0.45 30.71
N ILE B 53 25.91 -0.06 30.22
CA ILE B 53 24.80 -1.00 30.02
C ILE B 53 24.74 -1.44 28.58
N LEU B 54 24.44 -2.72 28.38
CA LEU B 54 24.43 -3.33 27.06
C LEU B 54 23.11 -3.09 26.34
N GLN B 55 23.19 -2.88 25.03
CA GLN B 55 22.01 -2.81 24.18
C GLN B 55 21.45 -4.21 23.97
N SER B 56 20.14 -4.29 23.75
CA SER B 56 19.48 -5.55 23.46
C SER B 56 19.94 -6.11 22.13
N GLY B 57 20.52 -7.31 22.16
CA GLY B 57 20.86 -8.05 20.96
C GLY B 57 22.34 -8.13 20.64
N VAL B 58 23.16 -7.21 21.14
CA VAL B 58 24.59 -7.26 20.88
C VAL B 58 25.21 -8.33 21.77
N PRO B 59 26.18 -9.09 21.28
CA PRO B 59 26.71 -10.23 22.05
C PRO B 59 27.41 -9.78 23.32
N PRO B 60 27.49 -10.66 24.33
CA PRO B 60 28.07 -10.26 25.62
C PRO B 60 29.57 -9.99 25.59
N ARG B 61 30.26 -10.36 24.51
CA ARG B 61 31.70 -10.12 24.42
C ARG B 61 32.05 -8.64 24.55
N PHE B 62 31.11 -7.75 24.25
CA PHE B 62 31.32 -6.32 24.40
C PHE B 62 31.15 -5.92 25.87
N SER B 63 31.98 -4.98 26.31
CA SER B 63 31.92 -4.49 27.68
C SER B 63 32.49 -3.08 27.72
N GLY B 64 31.81 -2.20 28.44
CA GLY B 64 32.26 -0.83 28.60
C GLY B 64 32.33 -0.45 30.06
N SER B 65 33.22 0.49 30.36
CA SER B 65 33.39 0.99 31.71
C SER B 65 33.99 2.38 31.65
N GLY B 66 33.88 3.09 32.77
CA GLY B 66 34.47 4.41 32.91
C GLY B 66 33.53 5.36 33.63
N SER B 67 34.09 6.48 34.09
CA SER B 67 33.33 7.51 34.78
C SER B 67 34.14 8.79 34.78
N GLY B 68 33.47 9.92 34.63
CA GLY B 68 34.16 11.19 34.67
C GLY B 68 34.75 11.59 33.33
N THR B 69 36.05 11.33 33.16
CA THR B 69 36.77 11.69 31.95
C THR B 69 37.40 10.50 31.24
N ASP B 70 37.61 9.38 31.93
CA ASP B 70 38.24 8.21 31.36
C ASP B 70 37.19 7.14 31.10
N PHE B 71 37.12 6.64 29.86
CA PHE B 71 36.15 5.63 29.48
C PHE B 71 36.85 4.57 28.63
N THR B 72 36.34 3.34 28.69
CA THR B 72 36.96 2.20 28.02
C THR B 72 35.90 1.33 27.38
N LEU B 73 36.21 0.84 26.17
CA LEU B 73 35.46 -0.21 25.51
C LEU B 73 36.34 -1.45 25.41
N THR B 74 35.82 -2.59 25.85
CA THR B 74 36.60 -3.82 25.92
C THR B 74 35.89 -4.94 25.17
N ILE B 75 36.64 -5.66 24.34
CA ILE B 75 36.18 -6.88 23.70
C ILE B 75 36.92 -8.05 24.33
N SER B 76 36.21 -8.86 25.12
CA SER B 76 36.88 -10.00 25.74
C SER B 76 37.32 -11.03 24.72
N ARG B 77 36.57 -11.21 23.64
CA ARG B 77 36.91 -12.21 22.62
C ARG B 77 36.60 -11.62 21.25
N LEU B 78 37.63 -11.41 20.44
CA LEU B 78 37.43 -10.87 19.10
C LEU B 78 36.82 -11.92 18.17
N GLN B 79 36.03 -11.45 17.22
CA GLN B 79 35.33 -12.28 16.25
C GLN B 79 35.36 -11.58 14.91
N PRO B 80 35.24 -12.33 13.80
CA PRO B 80 35.40 -11.71 12.48
C PRO B 80 34.45 -10.56 12.20
N ASP B 81 33.26 -10.55 12.79
CA ASP B 81 32.28 -9.53 12.46
C ASP B 81 32.46 -8.24 13.26
N ASP B 82 33.32 -8.23 14.28
CA ASP B 82 33.52 -7.05 15.10
C ASP B 82 34.63 -6.14 14.58
N PHE B 83 35.20 -6.44 13.41
CA PHE B 83 36.33 -5.69 12.88
C PHE B 83 35.80 -4.54 12.03
N ALA B 84 35.50 -3.42 12.70
CA ALA B 84 34.97 -2.23 12.05
C ALA B 84 35.45 -1.01 12.83
N THR B 85 34.83 0.14 12.57
CA THR B 85 35.19 1.39 13.23
C THR B 85 34.23 1.65 14.39
N TYR B 86 34.76 2.23 15.48
CA TYR B 86 33.99 2.48 16.68
C TYR B 86 34.07 3.95 17.06
N TYR B 87 32.96 4.49 17.58
CA TYR B 87 32.85 5.89 17.93
C TYR B 87 32.25 6.03 19.32
N CYS B 88 32.70 7.05 20.06
CA CYS B 88 32.15 7.38 21.37
C CYS B 88 31.42 8.72 21.30
N GLN B 89 30.29 8.80 21.99
CA GLN B 89 29.46 10.01 21.98
C GLN B 89 28.99 10.30 23.40
N GLN B 90 28.90 11.58 23.74
CA GLN B 90 28.44 12.04 25.04
C GLN B 90 27.10 12.74 24.90
N TYR B 91 26.21 12.52 25.88
CA TYR B 91 24.92 13.24 25.88
C TYR B 91 25.09 14.57 26.59
N ASP B 92 25.32 14.53 27.91
CA ASP B 92 25.71 15.67 28.73
C ASP B 92 24.97 16.99 28.46
N SER B 93 23.69 17.07 28.83
CA SER B 93 22.82 18.25 28.78
C SER B 93 21.88 18.26 27.57
N ASP B 94 20.67 18.77 27.80
CA ASP B 94 19.65 18.95 26.78
C ASP B 94 19.68 20.33 26.12
N SER B 95 20.69 21.14 26.40
CA SER B 95 20.73 22.49 25.85
C SER B 95 22.05 22.85 25.17
N GLN B 96 23.08 22.03 25.27
CA GLN B 96 24.38 22.29 24.68
C GLN B 96 24.69 21.20 23.65
N PRO B 97 25.58 21.48 22.69
CA PRO B 97 25.76 20.55 21.58
C PRO B 97 26.30 19.20 22.01
N LEU B 98 26.10 18.21 21.14
CA LEU B 98 26.56 16.85 21.35
C LEU B 98 27.66 16.54 20.34
N THR B 99 28.63 15.74 20.76
CA THR B 99 29.83 15.50 19.95
C THR B 99 30.16 14.02 19.88
N PHE B 100 30.83 13.65 18.79
CA PHE B 100 31.30 12.30 18.55
C PHE B 100 32.82 12.24 18.72
N GLY B 101 33.34 11.02 18.71
CA GLY B 101 34.77 10.83 18.77
C GLY B 101 35.41 10.74 17.40
N GLY B 102 36.75 10.72 17.40
CA GLY B 102 37.47 10.62 16.15
C GLY B 102 37.36 9.27 15.46
N GLY B 103 37.02 8.24 16.21
CA GLY B 103 36.90 6.91 15.64
C GLY B 103 38.11 6.04 15.92
N THR B 104 37.88 4.73 16.00
CA THR B 104 38.92 3.75 16.23
C THR B 104 38.68 2.60 15.25
N LYS B 105 39.48 2.56 14.18
CA LYS B 105 39.37 1.50 13.18
C LYS B 105 40.07 0.24 13.68
N LEU B 106 39.31 -0.83 13.81
CA LEU B 106 39.82 -2.11 14.30
C LEU B 106 40.00 -3.05 13.12
N GLU B 107 41.25 -3.42 12.84
CA GLU B 107 41.58 -4.26 11.71
C GLU B 107 42.20 -5.56 12.19
N ILE B 108 42.30 -6.53 11.27
CA ILE B 108 42.78 -7.87 11.59
C ILE B 108 44.30 -7.91 11.50
N LYS B 109 44.89 -8.97 12.06
CA LYS B 109 46.32 -9.23 11.96
C LYS B 109 46.50 -10.56 11.23
N ARG B 110 47.28 -10.54 10.14
CA ARG B 110 47.58 -11.75 9.39
C ARG B 110 49.08 -11.84 9.14
N THR B 111 49.48 -12.86 8.38
CA THR B 111 50.88 -13.08 8.07
C THR B 111 51.40 -12.01 7.13
N VAL B 112 52.72 -11.79 7.18
CA VAL B 112 53.36 -10.84 6.27
C VAL B 112 53.28 -11.39 4.86
N ALA B 113 52.79 -10.56 3.93
CA ALA B 113 52.61 -10.96 2.54
C ALA B 113 53.31 -9.97 1.62
N ALA B 114 54.10 -10.49 0.69
CA ALA B 114 54.78 -9.64 -0.27
C ALA B 114 53.82 -9.23 -1.38
N PRO B 115 53.96 -8.01 -1.91
CA PRO B 115 53.06 -7.56 -2.97
C PRO B 115 53.52 -8.00 -4.36
N SER B 116 52.54 -8.32 -5.19
CA SER B 116 52.79 -8.49 -6.62
C SER B 116 52.76 -7.11 -7.25
N VAL B 117 53.85 -6.74 -7.91
CA VAL B 117 54.05 -5.37 -8.41
C VAL B 117 53.96 -5.39 -9.93
N PHE B 118 53.15 -4.49 -10.47
CA PHE B 118 53.03 -4.30 -11.90
C PHE B 118 53.19 -2.81 -12.23
N ILE B 119 53.76 -2.53 -13.39
CA ILE B 119 53.89 -1.16 -13.87
C ILE B 119 53.12 -1.04 -15.18
N PHE B 120 52.52 0.13 -15.40
CA PHE B 120 51.64 0.36 -16.53
C PHE B 120 52.07 1.58 -17.33
N PRO B 121 52.53 1.43 -18.55
CA PRO B 121 52.87 2.59 -19.37
C PRO B 121 51.61 3.37 -19.73
N PRO B 122 51.72 4.66 -20.00
CA PRO B 122 50.55 5.42 -20.44
C PRO B 122 50.05 4.91 -21.78
N SER B 123 48.73 4.89 -21.93
CA SER B 123 48.14 4.43 -23.18
C SER B 123 48.38 5.44 -24.30
N ASP B 124 48.51 4.93 -25.53
CA ASP B 124 48.67 5.80 -26.68
C ASP B 124 47.52 6.77 -26.82
N GLU B 125 46.31 6.36 -26.39
CA GLU B 125 45.18 7.27 -26.42
C GLU B 125 45.42 8.49 -25.54
N GLN B 126 45.94 8.28 -24.33
CA GLN B 126 46.16 9.39 -23.41
C GLN B 126 47.29 10.30 -23.89
N LEU B 127 48.27 9.75 -24.62
CA LEU B 127 49.38 10.58 -25.09
C LEU B 127 48.90 11.62 -26.09
N LYS B 128 47.94 11.26 -26.94
CA LYS B 128 47.41 12.22 -27.91
C LYS B 128 46.75 13.41 -27.24
N SER B 129 46.30 13.26 -25.99
CA SER B 129 45.71 14.37 -25.26
C SER B 129 46.76 15.32 -24.68
N GLY B 130 48.02 14.88 -24.58
CA GLY B 130 49.08 15.72 -24.09
C GLY B 130 49.54 15.46 -22.67
N THR B 131 49.07 14.39 -22.03
CA THR B 131 49.46 14.08 -20.66
C THR B 131 49.69 12.59 -20.51
N ALA B 132 50.78 12.21 -19.84
CA ALA B 132 51.11 10.82 -19.61
C ALA B 132 50.82 10.46 -18.16
N SER B 133 50.30 9.25 -17.95
CA SER B 133 50.02 8.73 -16.62
C SER B 133 50.63 7.34 -16.49
N VAL B 134 51.59 7.19 -15.60
CA VAL B 134 52.23 5.90 -15.33
C VAL B 134 51.69 5.38 -14.01
N VAL B 135 51.19 4.15 -14.03
CA VAL B 135 50.52 3.56 -12.87
C VAL B 135 51.36 2.41 -12.33
N CYS B 136 51.40 2.30 -11.01
CA CYS B 136 52.06 1.21 -10.31
C CYS B 136 51.04 0.50 -9.43
N LEU B 137 50.98 -0.83 -9.53
CA LEU B 137 50.01 -1.61 -8.79
C LEU B 137 50.73 -2.51 -7.79
N LEU B 138 50.30 -2.45 -6.53
CA LEU B 138 50.79 -3.30 -5.45
C LEU B 138 49.63 -4.15 -4.97
N ASN B 139 49.63 -5.43 -5.31
CA ASN B 139 48.49 -6.30 -5.09
C ASN B 139 48.73 -7.22 -3.90
N ASN B 140 47.77 -7.22 -2.96
CA ASN B 140 47.64 -8.27 -1.94
C ASN B 140 48.91 -8.39 -1.09
N PHE B 141 49.14 -7.35 -0.31
CA PHE B 141 50.30 -7.29 0.59
C PHE B 141 49.84 -6.97 2.01
N TYR B 142 50.74 -7.27 2.97
CA TYR B 142 50.55 -6.98 4.37
C TYR B 142 51.91 -6.95 5.03
N PRO B 143 52.20 -5.98 5.91
CA PRO B 143 51.35 -4.90 6.43
C PRO B 143 51.06 -3.81 5.40
N ARG B 144 50.12 -2.92 5.74
CA ARG B 144 49.76 -1.82 4.85
C ARG B 144 50.92 -0.87 4.59
N GLU B 145 51.85 -0.76 5.55
CA GLU B 145 52.94 0.21 5.44
C GLU B 145 53.91 -0.22 4.34
N ALA B 146 54.08 0.64 3.34
CA ALA B 146 55.02 0.40 2.26
C ALA B 146 55.55 1.73 1.74
N LYS B 147 56.73 1.68 1.15
CA LYS B 147 57.40 2.86 0.58
C LYS B 147 57.44 2.69 -0.93
N VAL B 148 56.69 3.53 -1.64
CA VAL B 148 56.62 3.50 -3.10
C VAL B 148 57.32 4.74 -3.64
N GLN B 149 58.29 4.53 -4.53
CA GLN B 149 59.05 5.61 -5.13
C GLN B 149 59.07 5.46 -6.64
N TRP B 150 59.19 6.59 -7.33
CA TRP B 150 59.20 6.64 -8.78
C TRP B 150 60.57 7.09 -9.26
N LYS B 151 61.12 6.37 -10.24
CA LYS B 151 62.41 6.71 -10.84
C LYS B 151 62.21 6.88 -12.33
N VAL B 152 62.72 7.99 -12.87
CA VAL B 152 62.67 8.28 -14.30
C VAL B 152 64.11 8.47 -14.76
N ASP B 153 64.59 7.57 -15.61
CA ASP B 153 66.00 7.53 -16.02
C ASP B 153 66.91 7.50 -14.80
N ASN B 154 66.55 6.65 -13.84
CA ASN B 154 67.29 6.45 -12.60
C ASN B 154 67.36 7.71 -11.74
N ALA B 155 66.48 8.67 -12.01
CA ALA B 155 66.40 9.89 -11.20
C ALA B 155 65.18 9.82 -10.30
N LEU B 156 65.40 10.01 -9.00
CA LEU B 156 64.31 9.95 -8.03
C LEU B 156 63.33 11.08 -8.29
N GLN B 157 62.06 10.72 -8.53
CA GLN B 157 61.01 11.69 -8.77
C GLN B 157 60.28 12.00 -7.48
N SER B 158 59.79 13.25 -7.38
CA SER B 158 59.12 13.69 -6.17
C SER B 158 58.09 14.76 -6.52
N GLY B 159 56.95 14.72 -5.82
CA GLY B 159 55.93 15.75 -5.95
C GLY B 159 54.97 15.57 -7.09
N ASN B 160 55.16 14.59 -7.96
CA ASN B 160 54.32 14.39 -9.13
C ASN B 160 53.71 12.99 -9.12
N SER B 161 53.29 12.52 -7.94
CA SER B 161 52.66 11.20 -7.84
C SER B 161 51.62 11.23 -6.73
N GLN B 162 50.53 10.50 -6.94
CA GLN B 162 49.46 10.37 -5.96
C GLN B 162 49.23 8.90 -5.66
N GLU B 163 48.89 8.60 -4.42
CA GLU B 163 48.78 7.23 -3.93
C GLU B 163 47.37 6.97 -3.42
N SER B 164 46.87 5.77 -3.71
CA SER B 164 45.59 5.32 -3.20
C SER B 164 45.75 3.88 -2.70
N VAL B 165 45.08 3.56 -1.60
CA VAL B 165 45.13 2.23 -1.01
C VAL B 165 43.71 1.74 -0.76
N THR B 166 43.45 0.49 -1.14
CA THR B 166 42.14 -0.08 -0.93
C THR B 166 41.93 -0.44 0.54
N GLU B 167 40.67 -0.62 0.90
CA GLU B 167 40.33 -1.18 2.20
C GLU B 167 40.71 -2.65 2.25
N GLN B 168 40.95 -3.13 3.46
CA GLN B 168 41.46 -4.48 3.64
C GLN B 168 40.47 -5.51 3.12
N ASP B 169 40.99 -6.49 2.39
CA ASP B 169 40.15 -7.49 1.75
C ASP B 169 39.41 -8.31 2.81
N SER B 170 38.17 -8.67 2.51
CA SER B 170 37.40 -9.50 3.42
C SER B 170 37.72 -10.99 3.28
N LYS B 171 38.36 -11.39 2.19
CA LYS B 171 38.66 -12.81 1.96
C LYS B 171 40.07 -13.18 2.40
N ASP B 172 41.10 -12.59 1.81
CA ASP B 172 42.48 -12.92 2.13
C ASP B 172 43.14 -11.89 3.04
N SER B 173 42.42 -10.85 3.45
CA SER B 173 42.82 -9.93 4.50
C SER B 173 44.00 -9.03 4.11
N THR B 174 44.26 -8.86 2.81
CA THR B 174 45.40 -8.09 2.38
C THR B 174 44.98 -6.70 1.90
N TYR B 175 45.98 -5.89 1.58
CA TYR B 175 45.78 -4.54 1.05
C TYR B 175 46.27 -4.45 -0.38
N SER B 176 45.75 -3.48 -1.10
CA SER B 176 46.19 -3.16 -2.45
C SER B 176 46.46 -1.66 -2.53
N LEU B 177 47.53 -1.30 -3.22
CA LEU B 177 47.93 0.10 -3.37
C LEU B 177 48.14 0.40 -4.84
N SER B 178 47.78 1.61 -5.23
CA SER B 178 48.04 2.14 -6.56
C SER B 178 48.90 3.39 -6.42
N SER B 179 49.84 3.56 -7.34
CA SER B 179 50.67 4.75 -7.41
C SER B 179 50.62 5.28 -8.82
N THR B 180 50.14 6.52 -8.97
CA THR B 180 49.99 7.15 -10.28
C THR B 180 50.99 8.30 -10.39
N LEU B 181 51.84 8.22 -11.40
CA LEU B 181 52.82 9.27 -11.70
C LEU B 181 52.37 10.02 -12.94
N THR B 182 52.15 11.33 -12.80
CA THR B 182 51.63 12.15 -13.88
C THR B 182 52.68 13.16 -14.33
N LEU B 183 52.85 13.29 -15.64
CA LEU B 183 53.77 14.26 -16.20
C LEU B 183 53.30 14.60 -17.61
N SER B 184 53.90 15.66 -18.17
CA SER B 184 53.53 16.11 -19.50
C SER B 184 54.04 15.15 -20.56
N LYS B 185 53.36 15.14 -21.71
CA LYS B 185 53.78 14.27 -22.80
C LYS B 185 55.17 14.60 -23.28
N ALA B 186 55.49 15.90 -23.38
CA ALA B 186 56.84 16.30 -23.80
C ALA B 186 57.89 15.77 -22.83
N ASP B 187 57.58 15.76 -21.54
CA ASP B 187 58.50 15.17 -20.57
C ASP B 187 58.57 13.65 -20.71
N TYR B 188 57.45 13.01 -21.05
CA TYR B 188 57.44 11.56 -21.19
C TYR B 188 58.33 11.10 -22.34
N GLU B 189 58.27 11.80 -23.48
CA GLU B 189 59.09 11.43 -24.62
C GLU B 189 60.55 11.86 -24.47
N LYS B 190 60.86 12.70 -23.49
CA LYS B 190 62.24 13.12 -23.27
C LYS B 190 63.08 12.02 -22.61
N HIS B 191 62.45 11.13 -21.85
CA HIS B 191 63.15 10.09 -21.10
C HIS B 191 62.78 8.72 -21.63
N LYS B 192 63.53 7.71 -21.18
CA LYS B 192 63.45 6.35 -21.71
C LYS B 192 63.04 5.31 -20.69
N VAL B 193 63.63 5.32 -19.50
CA VAL B 193 63.41 4.27 -18.50
C VAL B 193 62.48 4.81 -17.42
N TYR B 194 61.43 4.05 -17.13
CA TYR B 194 60.48 4.37 -16.06
C TYR B 194 60.37 3.16 -15.15
N ALA B 195 60.60 3.38 -13.85
CA ALA B 195 60.65 2.31 -12.87
C ALA B 195 59.86 2.69 -11.63
N CYS B 196 59.31 1.67 -10.96
CA CYS B 196 58.55 1.85 -9.73
C CYS B 196 59.15 0.93 -8.67
N GLU B 197 59.61 1.51 -7.58
CA GLU B 197 60.33 0.77 -6.53
C GLU B 197 59.48 0.71 -5.27
N VAL B 198 59.33 -0.48 -4.71
CA VAL B 198 58.57 -0.71 -3.49
C VAL B 198 59.53 -1.27 -2.44
N THR B 199 59.56 -0.63 -1.28
CA THR B 199 60.45 -1.04 -0.19
C THR B 199 59.63 -1.45 1.01
N GLN B 200 59.78 -2.69 1.44
CA GLN B 200 59.10 -3.24 2.60
C GLN B 200 60.14 -3.95 3.46
N GLY B 201 60.51 -3.33 4.57
CA GLY B 201 61.51 -3.90 5.46
C GLY B 201 62.90 -3.94 4.86
N THR B 202 63.46 -5.14 4.70
CA THR B 202 64.80 -5.29 4.16
C THR B 202 64.80 -5.63 2.67
N THR B 203 63.64 -5.64 2.02
CA THR B 203 63.51 -5.98 0.61
C THR B 203 62.95 -4.80 -0.17
N SER B 204 63.42 -4.63 -1.40
CA SER B 204 62.92 -3.61 -2.30
C SER B 204 62.84 -4.17 -3.72
N VAL B 205 61.66 -4.13 -4.30
CA VAL B 205 61.40 -4.67 -5.64
C VAL B 205 61.14 -3.49 -6.58
N THR B 206 61.71 -3.56 -7.78
CA THR B 206 61.60 -2.49 -8.76
C THR B 206 61.11 -3.06 -10.08
N LYS B 207 59.92 -2.66 -10.50
CA LYS B 207 59.39 -3.02 -11.80
C LYS B 207 59.54 -1.83 -12.75
N SER B 208 59.95 -2.10 -13.99
CA SER B 208 60.29 -1.04 -14.91
C SER B 208 59.89 -1.44 -16.33
N PHE B 209 59.94 -0.45 -17.22
CA PHE B 209 59.71 -0.68 -18.64
C PHE B 209 60.45 0.40 -19.42
N ASN B 210 60.74 0.09 -20.68
CA ASN B 210 61.39 1.04 -21.58
C ASN B 210 60.36 1.65 -22.51
N ARG B 211 60.36 2.98 -22.62
CA ARG B 211 59.41 3.66 -23.47
C ARG B 211 59.65 3.26 -24.92
N GLY B 212 58.56 3.08 -25.67
CA GLY B 212 58.69 2.65 -27.05
C GLY B 212 59.04 1.19 -27.20
N GLU B 213 58.61 0.35 -26.27
CA GLU B 213 58.86 -1.09 -26.32
C GLU B 213 57.64 -1.86 -25.84
N ASN C 2 21.54 27.47 42.85
CA ASN C 2 20.72 27.53 41.64
C ASN C 2 19.37 26.87 41.88
N LEU C 3 18.30 27.62 41.64
CA LEU C 3 16.98 27.07 41.83
C LEU C 3 16.71 25.99 40.79
N CYS C 4 15.80 25.06 41.12
CA CYS C 4 15.45 23.98 40.20
C CYS C 4 14.25 24.38 39.33
N PRO C 5 14.23 23.98 38.07
CA PRO C 5 13.12 24.32 37.18
C PRO C 5 11.95 23.36 37.35
N PHE C 6 11.32 23.40 38.52
CA PHE C 6 10.21 22.48 38.73
C PHE C 6 8.98 22.89 37.93
N GLY C 7 8.84 24.18 37.65
CA GLY C 7 7.73 24.65 36.83
C GLY C 7 7.82 24.22 35.37
N GLU C 8 9.00 23.80 34.91
CA GLU C 8 9.11 23.29 33.55
C GLU C 8 8.46 21.92 33.40
N VAL C 9 8.30 21.18 34.49
CA VAL C 9 7.69 19.86 34.47
C VAL C 9 6.25 19.91 34.98
N PHE C 10 6.03 20.52 36.14
CA PHE C 10 4.70 20.57 36.72
C PHE C 10 3.80 21.55 35.97
N ASN C 11 4.35 22.70 35.57
CA ASN C 11 3.59 23.76 34.91
C ASN C 11 3.89 23.79 33.41
N ALA C 12 4.12 22.65 32.78
CA ALA C 12 4.36 22.64 31.35
C ALA C 12 3.07 22.85 30.59
N THR C 13 3.19 23.45 29.40
CA THR C 13 2.00 23.80 28.63
C THR C 13 1.31 22.55 28.07
N ARG C 14 2.05 21.69 27.41
CA ARG C 14 1.51 20.53 26.72
C ARG C 14 2.17 19.26 27.25
N PHE C 15 1.36 18.23 27.48
CA PHE C 15 1.74 17.04 28.24
C PHE C 15 1.69 15.77 27.41
N ALA C 16 2.55 14.81 27.80
CA ALA C 16 2.72 13.55 27.10
C ALA C 16 1.60 12.55 27.40
N SER C 17 1.48 11.56 26.52
CA SER C 17 0.57 10.44 26.68
C SER C 17 1.17 9.39 27.62
N VAL C 18 0.50 8.25 27.75
CA VAL C 18 0.95 7.20 28.67
C VAL C 18 1.88 6.21 27.98
N TYR C 19 1.62 5.85 26.73
CA TYR C 19 2.52 4.95 26.01
C TYR C 19 3.83 5.64 25.64
N ALA C 20 3.85 6.97 25.63
CA ALA C 20 4.99 7.77 25.22
C ALA C 20 5.32 8.79 26.29
N TRP C 21 5.45 8.32 27.53
CA TRP C 21 5.60 9.22 28.68
C TRP C 21 6.85 10.08 28.55
N ASN C 22 6.72 11.33 28.99
CA ASN C 22 7.77 12.33 28.89
C ASN C 22 8.88 11.99 29.89
N ARG C 23 9.97 12.75 29.82
CA ARG C 23 11.12 12.49 30.67
C ARG C 23 11.89 13.79 30.84
N LYS C 24 12.44 13.98 32.04
CA LYS C 24 13.24 15.17 32.32
C LYS C 24 14.24 14.81 33.41
N ARG C 25 15.48 15.13 33.16
CA ARG C 25 16.57 14.81 34.06
C ARG C 25 16.86 15.97 35.00
N ILE C 26 17.05 15.66 36.28
CA ILE C 26 17.22 16.67 37.31
C ILE C 26 18.62 16.51 37.91
N SER C 27 19.42 17.55 37.75
CA SER C 27 20.79 17.60 38.26
C SER C 27 21.22 19.05 38.33
N ASN C 28 22.23 19.31 39.16
CA ASN C 28 22.82 20.63 39.34
C ASN C 28 21.77 21.66 39.76
N CYS C 29 21.20 21.40 40.92
CA CYS C 29 20.21 22.31 41.49
C CYS C 29 20.06 22.02 42.97
N VAL C 30 19.46 22.98 43.67
CA VAL C 30 19.05 22.81 45.05
C VAL C 30 17.54 22.84 45.01
N ALA C 31 16.91 21.73 45.40
CA ALA C 31 15.52 21.49 45.10
C ALA C 31 14.67 21.59 46.35
N ASP C 32 13.54 22.29 46.21
CA ASP C 32 12.66 22.54 47.35
C ASP C 32 11.55 21.49 47.37
N TYR C 33 11.89 20.30 47.84
CA TYR C 33 10.87 19.29 47.99
C TYR C 33 9.98 19.61 49.18
N SER C 34 8.81 18.96 49.21
CA SER C 34 7.87 18.97 50.33
C SER C 34 7.15 20.31 50.51
N VAL C 35 7.66 21.38 49.88
CA VAL C 35 6.90 22.62 49.84
C VAL C 35 5.72 22.49 48.89
N LEU C 36 5.83 21.55 47.94
CA LEU C 36 4.72 21.21 47.06
C LEU C 36 3.62 20.47 47.81
N TYR C 37 3.99 19.71 48.84
CA TYR C 37 3.04 18.93 49.61
C TYR C 37 1.90 19.79 50.15
N ASN C 38 2.16 21.07 50.41
CA ASN C 38 1.13 21.95 50.96
C ASN C 38 0.08 22.32 49.92
N SER C 39 0.45 22.38 48.64
CA SER C 39 -0.51 22.73 47.60
C SER C 39 -1.61 21.68 47.52
N ALA C 40 -2.84 22.14 47.29
CA ALA C 40 -4.04 21.32 47.35
C ALA C 40 -4.38 20.59 46.06
N SER C 41 -3.60 20.78 44.99
CA SER C 41 -3.98 20.19 43.71
C SER C 41 -3.70 18.69 43.67
N PHE C 42 -2.60 18.25 44.27
CA PHE C 42 -2.20 16.85 44.20
C PHE C 42 -3.07 16.01 45.13
N SER C 43 -3.83 15.08 44.55
CA SER C 43 -4.64 14.15 45.32
C SER C 43 -3.85 12.95 45.80
N THR C 44 -2.60 12.78 45.35
CA THR C 44 -1.76 11.69 45.80
C THR C 44 -0.32 12.20 45.85
N PHE C 45 0.34 11.97 46.99
CA PHE C 45 1.74 12.35 47.18
C PHE C 45 2.49 11.25 47.91
N LYS C 46 2.18 10.00 47.58
CA LYS C 46 2.79 8.87 48.28
C LYS C 46 4.24 8.71 47.84
N CYS C 47 5.12 8.50 48.83
CA CYS C 47 6.54 8.30 48.59
C CYS C 47 6.96 6.96 49.19
N TYR C 48 7.99 6.37 48.60
CA TYR C 48 8.43 5.02 48.96
C TYR C 48 9.90 5.04 49.31
N GLY C 49 10.24 4.36 50.39
CA GLY C 49 11.63 4.30 50.87
C GLY C 49 12.07 5.50 51.67
N VAL C 50 11.81 6.71 51.17
CA VAL C 50 12.14 7.95 51.86
C VAL C 50 10.84 8.66 52.22
N SER C 51 10.69 9.02 53.49
CA SER C 51 9.49 9.69 53.93
C SER C 51 9.37 11.06 53.24
N PRO C 52 8.16 11.49 52.91
CA PRO C 52 7.99 12.77 52.19
C PRO C 52 8.19 14.01 53.04
N THR C 53 8.69 13.87 54.26
CA THR C 53 8.89 15.02 55.15
C THR C 53 10.35 15.44 55.27
N LYS C 54 11.29 14.48 55.27
CA LYS C 54 12.71 14.79 55.35
C LYS C 54 13.38 14.75 53.97
N LEU C 55 12.63 15.07 52.92
CA LEU C 55 13.21 15.13 51.58
C LEU C 55 14.25 16.24 51.49
N ASN C 56 13.97 17.39 52.10
CA ASN C 56 14.89 18.53 52.05
C ASN C 56 16.20 18.26 52.79
N ASP C 57 16.20 17.33 53.74
CA ASP C 57 17.37 17.04 54.54
C ASP C 57 18.24 15.95 53.93
N LEU C 58 18.06 15.62 52.65
CA LEU C 58 18.88 14.59 52.04
C LEU C 58 19.34 15.08 50.68
N CYS C 59 20.38 14.44 50.15
CA CYS C 59 20.83 14.70 48.79
C CYS C 59 21.01 13.36 48.08
N PHE C 60 20.76 13.36 46.78
CA PHE C 60 20.78 12.12 46.02
C PHE C 60 21.67 12.32 44.82
N THR C 61 22.35 11.24 44.43
CA THR C 61 23.25 11.31 43.28
C THR C 61 22.49 11.68 42.01
N ASN C 62 21.19 11.41 41.94
CA ASN C 62 20.54 11.60 40.64
C ASN C 62 19.03 11.43 40.78
N VAL C 63 18.29 12.18 39.97
CA VAL C 63 16.84 12.22 40.05
C VAL C 63 16.26 12.12 38.63
N TYR C 64 15.18 11.34 38.48
CA TYR C 64 14.48 11.14 37.20
C TYR C 64 13.03 11.57 37.36
N ALA C 65 12.53 12.36 36.40
CA ALA C 65 11.13 12.81 36.41
C ALA C 65 10.42 12.35 35.16
N ASP C 66 9.28 11.67 35.34
CA ASP C 66 8.44 11.22 34.24
C ASP C 66 7.06 11.84 34.38
N SER C 67 6.57 12.45 33.30
CA SER C 67 5.27 13.11 33.30
C SER C 67 4.38 12.50 32.23
N PHE C 68 3.14 12.19 32.59
CA PHE C 68 2.17 11.59 31.69
C PHE C 68 0.77 11.88 32.24
N VAL C 69 -0.24 11.36 31.55
CA VAL C 69 -1.65 11.61 31.90
C VAL C 69 -2.40 10.29 31.89
N ILE C 70 -2.98 9.93 33.03
CA ILE C 70 -3.82 8.74 33.16
C ILE C 70 -5.23 9.16 33.55
N ARG C 71 -6.13 8.19 33.71
CA ARG C 71 -7.51 8.46 34.05
C ARG C 71 -7.89 7.77 35.36
N GLY C 72 -8.51 8.54 36.26
CA GLY C 72 -9.34 8.00 37.33
C GLY C 72 -8.77 6.88 38.16
N ASP C 73 -9.32 5.67 37.96
CA ASP C 73 -9.04 4.51 38.79
C ASP C 73 -7.71 3.83 38.44
N GLU C 74 -6.81 4.55 37.77
CA GLU C 74 -5.47 4.04 37.45
C GLU C 74 -4.38 4.77 38.21
N VAL C 75 -4.73 5.68 39.14
CA VAL C 75 -3.71 6.31 39.97
C VAL C 75 -3.08 5.28 40.89
N ARG C 76 -3.87 4.32 41.37
CA ARG C 76 -3.33 3.23 42.17
C ARG C 76 -2.43 2.31 41.36
N GLN C 77 -2.43 2.44 40.03
CA GLN C 77 -1.57 1.65 39.17
C GLN C 77 -0.15 2.18 39.10
N ILE C 78 0.08 3.42 39.55
CA ILE C 78 1.43 4.00 39.56
C ILE C 78 2.01 3.70 40.93
N ALA C 79 2.59 2.50 41.07
CA ALA C 79 3.13 2.00 42.33
C ALA C 79 3.89 0.70 42.05
N PRO C 80 4.69 0.21 43.00
CA PRO C 80 5.36 -1.09 42.80
C PRO C 80 4.52 -2.28 43.22
N GLY C 81 4.59 -3.33 42.41
CA GLY C 81 4.01 -4.61 42.78
C GLY C 81 2.52 -4.77 42.52
N GLN C 82 2.10 -4.62 41.27
CA GLN C 82 0.70 -4.82 40.89
C GLN C 82 0.64 -5.00 39.38
N THR C 83 -0.55 -5.39 38.90
CA THR C 83 -0.74 -5.74 37.50
C THR C 83 -1.88 -4.91 36.90
N GLY C 84 -2.09 -5.07 35.59
CA GLY C 84 -3.15 -4.36 34.89
C GLY C 84 -2.70 -3.80 33.55
N LYS C 85 -3.65 -3.22 32.79
CA LYS C 85 -3.32 -2.74 31.46
C LYS C 85 -2.31 -1.60 31.51
N ILE C 86 -2.45 -0.69 32.48
CA ILE C 86 -1.49 0.39 32.62
C ILE C 86 -0.15 -0.13 33.11
N ALA C 87 -0.16 -1.04 34.09
CA ALA C 87 1.08 -1.47 34.72
C ALA C 87 1.87 -2.44 33.85
N ASP C 88 1.19 -3.32 33.12
CA ASP C 88 1.87 -4.39 32.40
C ASP C 88 2.17 -4.07 30.94
N TYR C 89 1.51 -3.07 30.35
CA TYR C 89 1.68 -2.77 28.94
C TYR C 89 2.19 -1.36 28.65
N ASN C 90 2.08 -0.43 29.60
CA ASN C 90 2.45 0.95 29.36
C ASN C 90 3.57 1.44 30.27
N TYR C 91 3.42 1.30 31.59
CA TYR C 91 4.41 1.76 32.54
C TYR C 91 4.48 0.75 33.69
N LYS C 92 5.67 0.19 33.90
CA LYS C 92 5.91 -0.77 34.96
C LYS C 92 6.90 -0.17 35.96
N LEU C 93 6.68 -0.46 37.25
CA LEU C 93 7.55 0.05 38.30
C LEU C 93 8.26 -1.10 38.98
N PRO C 94 9.57 -0.97 39.25
CA PRO C 94 10.28 -2.04 39.95
C PRO C 94 9.80 -2.19 41.38
N ASP C 95 9.96 -3.40 41.91
CA ASP C 95 9.54 -3.68 43.28
C ASP C 95 10.36 -2.86 44.27
N ASP C 96 11.66 -2.71 44.03
CA ASP C 96 12.54 -1.92 44.90
C ASP C 96 12.59 -0.47 44.44
N PHE C 97 11.44 0.19 44.52
CA PHE C 97 11.30 1.58 44.10
C PHE C 97 11.58 2.52 45.27
N THR C 98 12.46 3.50 45.04
CA THR C 98 12.83 4.51 46.04
C THR C 98 12.60 5.89 45.43
N GLY C 99 11.41 6.45 45.64
CA GLY C 99 11.08 7.75 45.12
C GLY C 99 9.70 8.24 45.55
N CYS C 100 8.99 8.93 44.66
CA CYS C 100 7.68 9.48 44.98
C CYS C 100 6.76 9.37 43.77
N VAL C 101 5.45 9.49 44.04
CA VAL C 101 4.41 9.45 43.01
C VAL C 101 3.45 10.61 43.27
N ILE C 102 3.23 11.45 42.27
CA ILE C 102 2.39 12.63 42.38
C ILE C 102 1.37 12.63 41.25
N ALA C 103 0.12 12.99 41.57
CA ALA C 103 -0.94 13.08 40.57
C ALA C 103 -1.94 14.13 41.02
N TRP C 104 -2.46 14.88 40.05
CA TRP C 104 -3.42 15.95 40.31
C TRP C 104 -4.45 16.02 39.19
N ASN C 105 -5.59 16.64 39.50
CA ASN C 105 -6.67 16.76 38.53
C ASN C 105 -6.42 17.91 37.56
N SER C 106 -6.76 17.69 36.30
CA SER C 106 -6.59 18.65 35.21
C SER C 106 -7.87 18.75 34.39
N ASN C 107 -9.00 18.92 35.09
CA ASN C 107 -10.32 18.82 34.46
C ASN C 107 -10.46 19.80 33.30
N ASN C 108 -10.05 21.05 33.50
CA ASN C 108 -10.30 22.09 32.52
C ASN C 108 -9.29 22.11 31.38
N LEU C 109 -8.24 21.29 31.44
CA LEU C 109 -7.17 21.34 30.45
C LEU C 109 -7.24 20.21 29.43
N ASP C 110 -7.30 18.96 29.89
CA ASP C 110 -7.18 17.80 29.02
C ASP C 110 -8.51 17.11 28.72
N SER C 111 -9.63 17.82 28.87
CA SER C 111 -10.94 17.23 28.63
C SER C 111 -11.83 18.20 27.89
N LYS C 112 -12.59 17.69 26.92
CA LYS C 112 -13.52 18.50 26.15
C LYS C 112 -14.84 17.75 26.02
N VAL C 113 -15.90 18.50 25.71
CA VAL C 113 -17.26 17.95 25.77
C VAL C 113 -17.42 16.81 24.77
N GLY C 114 -16.96 17.01 23.53
CA GLY C 114 -17.06 15.96 22.55
C GLY C 114 -16.02 14.86 22.70
N GLY C 115 -15.05 15.06 23.58
CA GLY C 115 -14.01 14.08 23.81
C GLY C 115 -12.65 14.55 23.35
N ASN C 116 -11.64 14.38 24.20
CA ASN C 116 -10.26 14.71 23.86
C ASN C 116 -9.57 13.42 23.49
N TYR C 117 -9.38 13.20 22.19
CA TYR C 117 -8.82 11.96 21.68
C TYR C 117 -7.33 12.06 21.37
N ASN C 118 -6.65 13.02 21.99
CA ASN C 118 -5.21 13.20 21.77
C ASN C 118 -4.34 12.47 22.79
N TYR C 119 -4.94 11.70 23.70
CA TYR C 119 -4.20 10.95 24.71
C TYR C 119 -4.41 9.47 24.47
N LEU C 120 -3.31 8.72 24.31
CA LEU C 120 -3.35 7.32 23.94
C LEU C 120 -2.83 6.45 25.08
N TYR C 121 -3.11 5.14 24.96
CA TYR C 121 -2.53 4.16 25.86
C TYR C 121 -2.54 2.80 25.20
N ARG C 122 -1.54 1.98 25.53
CA ARG C 122 -1.39 0.66 24.94
C ARG C 122 -2.25 -0.35 25.68
N LEU C 123 -3.09 -1.08 24.93
CA LEU C 123 -3.92 -2.12 25.52
C LEU C 123 -3.55 -3.51 25.03
N PHE C 124 -2.89 -3.61 23.88
CA PHE C 124 -2.39 -4.87 23.37
C PHE C 124 -0.88 -4.95 23.54
N ARG C 125 -0.41 -6.11 23.98
CA ARG C 125 1.02 -6.37 23.98
C ARG C 125 1.23 -7.88 24.03
N LYS C 126 2.34 -8.29 23.43
CA LYS C 126 2.68 -9.69 23.27
C LYS C 126 3.42 -10.24 24.50
N SER C 127 4.13 -9.38 25.23
CA SER C 127 4.78 -9.72 26.48
C SER C 127 4.51 -8.61 27.50
N ASN C 128 4.80 -8.88 28.77
CA ASN C 128 4.64 -7.89 29.81
C ASN C 128 5.70 -6.80 29.69
N LEU C 129 5.47 -5.69 30.38
CA LEU C 129 6.37 -4.53 30.31
C LEU C 129 7.45 -4.71 31.37
N LYS C 130 8.70 -4.83 30.92
CA LYS C 130 9.80 -4.97 31.85
C LYS C 130 9.92 -3.69 32.68
N PRO C 131 10.38 -3.80 33.93
CA PRO C 131 10.39 -2.64 34.81
C PRO C 131 11.12 -1.46 34.18
N PHE C 132 10.45 -0.32 34.13
CA PHE C 132 11.03 0.95 33.67
C PHE C 132 11.29 0.94 32.15
N GLU C 133 10.33 0.46 31.38
CA GLU C 133 10.46 0.37 29.93
C GLU C 133 9.38 1.20 29.23
N ARG C 134 9.72 1.71 28.05
CA ARG C 134 8.81 2.50 27.23
C ARG C 134 8.55 1.76 25.92
N ASP C 135 7.27 1.60 25.57
CA ASP C 135 6.87 0.97 24.31
C ASP C 135 6.22 2.02 23.42
N ILE C 136 6.76 2.20 22.22
CA ILE C 136 6.26 3.19 21.28
C ILE C 136 5.76 2.58 19.97
N SER C 137 6.02 1.29 19.72
CA SER C 137 5.67 0.67 18.45
C SER C 137 4.16 0.65 18.24
N THR C 138 3.70 1.32 17.19
CA THR C 138 2.31 1.30 16.77
C THR C 138 2.01 0.16 15.79
N GLU C 139 2.86 -0.85 15.73
CA GLU C 139 2.65 -1.97 14.83
C GLU C 139 1.40 -2.76 15.23
N ILE C 140 0.71 -3.28 14.22
CA ILE C 140 -0.57 -3.95 14.44
C ILE C 140 -0.35 -5.27 15.16
N TYR C 141 -1.11 -5.51 16.22
CA TYR C 141 -1.01 -6.74 16.99
C TYR C 141 -1.66 -7.89 16.22
N GLN C 142 -0.99 -9.03 16.19
CA GLN C 142 -1.48 -10.24 15.52
C GLN C 142 -2.16 -11.12 16.56
N ALA C 143 -3.50 -11.10 16.57
CA ALA C 143 -4.27 -11.79 17.60
C ALA C 143 -4.54 -13.25 17.29
N GLY C 144 -4.56 -13.63 16.02
CA GLY C 144 -4.87 -15.01 15.67
C GLY C 144 -3.71 -15.73 15.02
N SER C 145 -4.02 -16.80 14.28
CA SER C 145 -2.99 -17.55 13.58
C SER C 145 -2.64 -16.91 12.24
N THR C 146 -3.58 -16.19 11.64
CA THR C 146 -3.36 -15.57 10.34
C THR C 146 -2.47 -14.34 10.50
N PRO C 147 -1.46 -14.15 9.65
CA PRO C 147 -0.61 -12.96 9.75
C PRO C 147 -1.39 -11.70 9.48
N CYS C 148 -1.02 -10.63 10.20
CA CYS C 148 -1.71 -9.35 10.02
C CYS C 148 -1.31 -8.68 8.71
N ASN C 149 -0.02 -8.72 8.37
CA ASN C 149 0.50 -8.13 7.13
C ASN C 149 0.23 -6.63 7.03
N GLY C 150 0.10 -5.97 8.18
CA GLY C 150 -0.02 -4.52 8.22
C GLY C 150 -1.41 -3.96 8.03
N VAL C 151 -2.40 -4.80 7.70
CA VAL C 151 -3.78 -4.35 7.56
C VAL C 151 -4.53 -4.75 8.82
N GLU C 152 -5.29 -3.81 9.38
CA GLU C 152 -5.93 -4.01 10.67
C GLU C 152 -7.41 -4.34 10.45
N GLY C 153 -7.84 -5.47 11.00
CA GLY C 153 -9.14 -6.05 10.70
C GLY C 153 -9.41 -7.24 11.61
N PHE C 154 -9.87 -8.35 11.02
CA PHE C 154 -10.17 -9.54 11.80
C PHE C 154 -8.90 -10.04 12.49
N ASN C 155 -9.00 -10.24 13.80
CA ASN C 155 -7.87 -10.69 14.63
C ASN C 155 -6.63 -9.86 14.39
N CYS C 156 -6.82 -8.59 14.00
CA CYS C 156 -5.74 -7.66 13.70
C CYS C 156 -6.21 -6.28 14.13
N TYR C 157 -5.85 -5.90 15.36
CA TYR C 157 -6.39 -4.71 15.98
C TYR C 157 -5.27 -3.71 16.26
N PHE C 158 -5.64 -2.43 16.23
CA PHE C 158 -4.68 -1.36 16.52
C PHE C 158 -4.26 -1.45 17.98
N PRO C 159 -2.95 -1.43 18.28
CA PRO C 159 -2.52 -1.63 19.67
C PRO C 159 -2.93 -0.51 20.62
N LEU C 160 -3.11 0.71 20.15
CA LEU C 160 -3.41 1.83 21.01
C LEU C 160 -4.90 2.16 21.00
N GLN C 161 -5.37 2.70 22.12
CA GLN C 161 -6.73 3.21 22.23
C GLN C 161 -6.68 4.58 22.87
N SER C 162 -7.37 5.54 22.28
CA SER C 162 -7.34 6.91 22.75
C SER C 162 -8.35 7.11 23.87
N TYR C 163 -7.90 7.70 24.98
CA TYR C 163 -8.78 7.98 26.11
C TYR C 163 -9.99 8.79 25.66
N GLY C 164 -11.18 8.38 26.11
CA GLY C 164 -12.43 9.01 25.71
C GLY C 164 -12.56 10.40 26.28
N PHE C 165 -12.62 10.48 27.62
CA PHE C 165 -12.32 11.71 28.35
C PHE C 165 -13.25 12.89 28.10
N GLN C 166 -14.51 12.75 28.49
CA GLN C 166 -15.35 13.95 28.51
C GLN C 166 -15.48 14.47 29.94
N PRO C 167 -15.50 15.78 30.15
CA PRO C 167 -15.58 16.29 31.53
C PRO C 167 -16.90 15.97 32.21
N THR C 168 -17.94 15.64 31.45
CA THR C 168 -19.24 15.35 32.04
C THR C 168 -19.30 13.96 32.66
N ASN C 169 -18.28 13.13 32.46
CA ASN C 169 -18.24 11.80 33.04
C ASN C 169 -17.70 11.86 34.46
N GLY C 170 -17.72 10.72 35.15
CA GLY C 170 -17.19 10.67 36.49
C GLY C 170 -15.69 10.89 36.54
N VAL C 171 -15.23 11.35 37.70
CA VAL C 171 -13.81 11.60 37.90
C VAL C 171 -13.00 10.30 37.84
N GLY C 172 -13.66 9.15 37.98
CA GLY C 172 -12.97 7.90 37.67
C GLY C 172 -12.49 7.82 36.23
N TYR C 173 -12.88 8.79 35.40
CA TYR C 173 -12.40 8.96 34.03
C TYR C 173 -11.73 10.31 33.84
N GLN C 174 -11.61 11.10 34.90
CA GLN C 174 -11.07 12.46 34.82
C GLN C 174 -9.57 12.43 34.53
N PRO C 175 -9.03 13.48 33.93
CA PRO C 175 -7.57 13.58 33.79
C PRO C 175 -6.85 13.57 35.12
N TYR C 176 -5.72 12.88 35.15
CA TYR C 176 -4.85 12.80 36.32
C TYR C 176 -3.42 12.85 35.79
N ARG C 177 -2.85 14.04 35.74
CA ARG C 177 -1.48 14.21 35.28
C ARG C 177 -0.54 13.65 36.32
N VAL C 178 0.22 12.63 35.96
CA VAL C 178 1.08 11.93 36.91
C VAL C 178 2.51 12.41 36.70
N VAL C 179 3.19 12.68 37.80
CA VAL C 179 4.60 13.05 37.80
C VAL C 179 5.30 12.09 38.74
N VAL C 180 6.26 11.35 38.21
CA VAL C 180 6.97 10.32 38.95
C VAL C 180 8.41 10.77 39.06
N LEU C 181 8.93 10.79 40.28
CA LEU C 181 10.34 11.07 40.51
C LEU C 181 10.97 9.78 41.01
N SER C 182 12.02 9.35 40.32
CA SER C 182 12.89 8.31 40.85
C SER C 182 14.13 8.95 41.43
N PHE C 183 14.59 8.41 42.56
CA PHE C 183 15.82 8.81 43.21
C PHE C 183 16.79 7.65 43.15
N GLU C 184 18.01 7.90 42.68
CA GLU C 184 19.01 6.84 42.59
C GLU C 184 19.48 6.39 43.96
N HIS C 187 28.88 7.66 42.33
CA HIS C 187 29.88 8.72 42.36
C HIS C 187 29.20 10.09 42.32
N ALA C 188 29.46 10.84 41.24
CA ALA C 188 28.73 12.03 40.85
C ALA C 188 29.14 13.28 41.63
N PRO C 189 28.89 14.48 41.07
CA PRO C 189 29.22 15.74 41.76
C PRO C 189 28.30 16.01 42.94
N ALA C 190 28.20 17.27 43.36
CA ALA C 190 27.22 17.64 44.38
C ALA C 190 25.80 17.21 44.04
N THR C 191 25.51 16.94 42.76
CA THR C 191 24.18 16.51 42.31
C THR C 191 23.05 17.38 42.82
N VAL C 192 21.94 16.75 43.21
CA VAL C 192 20.75 17.44 43.69
C VAL C 192 20.69 17.32 45.19
N CYS C 193 20.28 18.39 45.85
CA CYS C 193 20.20 18.43 47.31
C CYS C 193 18.88 19.01 47.78
N GLU D 1 -15.11 5.38 -1.39
CA GLU D 1 -13.87 4.64 -1.61
C GLU D 1 -14.06 3.15 -1.34
N VAL D 2 -15.31 2.71 -1.40
CA VAL D 2 -15.64 1.29 -1.22
C VAL D 2 -15.63 0.63 -2.59
N GLN D 3 -14.78 -0.39 -2.74
CA GLN D 3 -14.59 -1.07 -4.02
C GLN D 3 -14.78 -2.57 -3.85
N LEU D 4 -14.92 -3.25 -4.98
CA LEU D 4 -15.04 -4.71 -5.01
C LEU D 4 -14.30 -5.20 -6.25
N VAL D 5 -13.21 -5.94 -6.04
CA VAL D 5 -12.35 -6.42 -7.12
C VAL D 5 -12.41 -7.93 -7.15
N GLU D 6 -12.61 -8.49 -8.34
CA GLU D 6 -12.68 -9.93 -8.54
C GLU D 6 -11.54 -10.40 -9.44
N SER D 7 -11.29 -11.70 -9.39
CA SER D 7 -10.22 -12.31 -10.18
C SER D 7 -10.45 -13.81 -10.23
N GLY D 8 -9.62 -14.49 -11.02
CA GLY D 8 -9.64 -15.94 -11.10
C GLY D 8 -10.25 -16.50 -12.36
N GLY D 9 -10.84 -15.67 -13.22
CA GLY D 9 -11.45 -16.16 -14.44
C GLY D 9 -10.44 -16.46 -15.52
N GLY D 10 -10.78 -17.42 -16.37
CA GLY D 10 -9.90 -17.79 -17.47
C GLY D 10 -10.48 -18.94 -18.25
N LEU D 11 -9.68 -19.43 -19.20
CA LEU D 11 -10.10 -20.55 -20.03
C LEU D 11 -10.17 -21.83 -19.20
N VAL D 12 -11.23 -22.60 -19.39
CA VAL D 12 -11.48 -23.82 -18.61
C VAL D 12 -12.08 -24.88 -19.52
N GLN D 13 -11.51 -26.08 -19.47
CA GLN D 13 -12.04 -27.22 -20.20
C GLN D 13 -13.37 -27.67 -19.58
N PRO D 14 -14.28 -28.24 -20.38
CA PRO D 14 -15.60 -28.61 -19.83
C PRO D 14 -15.48 -29.72 -18.80
N GLY D 15 -16.16 -29.53 -17.67
CA GLY D 15 -16.09 -30.47 -16.58
C GLY D 15 -14.97 -30.24 -15.60
N GLY D 16 -14.22 -29.15 -15.73
CA GLY D 16 -13.12 -28.86 -14.83
C GLY D 16 -13.56 -28.18 -13.55
N SER D 17 -12.80 -27.18 -13.12
CA SER D 17 -13.13 -26.43 -11.92
C SER D 17 -12.45 -25.07 -11.98
N LEU D 18 -12.99 -24.12 -11.21
CA LEU D 18 -12.40 -22.81 -11.10
C LEU D 18 -12.87 -22.15 -9.81
N LYS D 19 -11.99 -21.32 -9.24
CA LYS D 19 -12.29 -20.56 -8.03
C LYS D 19 -12.04 -19.09 -8.29
N LEU D 20 -13.02 -18.25 -7.96
CA LEU D 20 -12.87 -16.81 -8.06
C LEU D 20 -12.90 -16.18 -6.67
N SER D 21 -12.39 -14.96 -6.58
CA SER D 21 -12.29 -14.25 -5.32
C SER D 21 -12.71 -12.80 -5.53
N CYS D 22 -13.71 -12.36 -4.77
CA CYS D 22 -14.12 -10.95 -4.78
C CYS D 22 -13.58 -10.33 -3.49
N SER D 23 -12.59 -9.46 -3.64
CA SER D 23 -11.91 -8.85 -2.51
C SER D 23 -12.54 -7.49 -2.21
N ALA D 24 -12.90 -7.27 -0.95
CA ALA D 24 -13.53 -6.02 -0.54
C ALA D 24 -12.47 -5.02 -0.07
N SER D 25 -12.71 -3.76 -0.38
CA SER D 25 -11.82 -2.68 0.02
C SER D 25 -12.65 -1.52 0.54
N GLY D 26 -12.29 -1.01 1.72
CA GLY D 26 -13.01 0.08 2.34
C GLY D 26 -14.06 -0.35 3.33
N PHE D 27 -14.40 -1.63 3.40
CA PHE D 27 -15.37 -2.13 4.37
C PHE D 27 -15.17 -3.63 4.55
N THR D 28 -15.68 -4.15 5.65
CA THR D 28 -15.56 -5.56 5.98
C THR D 28 -16.68 -6.34 5.30
N LEU D 29 -16.30 -7.34 4.49
CA LEU D 29 -17.28 -8.10 3.72
C LEU D 29 -18.09 -9.07 4.59
N SER D 30 -17.61 -9.38 5.79
CA SER D 30 -18.28 -10.38 6.62
C SER D 30 -19.57 -9.87 7.27
N ASP D 31 -19.77 -8.55 7.29
CA ASP D 31 -20.94 -8.02 7.99
C ASP D 31 -22.19 -8.07 7.13
N SER D 32 -22.06 -7.83 5.83
CA SER D 32 -23.20 -7.79 4.92
C SER D 32 -23.24 -9.03 4.04
N ALA D 33 -24.40 -9.25 3.43
CA ALA D 33 -24.58 -10.36 2.50
C ALA D 33 -23.92 -10.06 1.16
N MET D 34 -23.42 -11.11 0.52
CA MET D 34 -22.71 -11.00 -0.76
C MET D 34 -23.49 -11.75 -1.82
N HIS D 35 -23.66 -11.13 -2.98
CA HIS D 35 -24.42 -11.70 -4.09
C HIS D 35 -23.50 -11.98 -5.27
N TRP D 36 -23.77 -13.07 -5.97
CA TRP D 36 -23.04 -13.45 -7.18
C TRP D 36 -24.01 -13.44 -8.36
N VAL D 37 -23.68 -12.66 -9.39
CA VAL D 37 -24.54 -12.49 -10.56
C VAL D 37 -23.69 -12.66 -11.81
N ARG D 38 -24.20 -13.42 -12.78
CA ARG D 38 -23.50 -13.68 -14.03
C ARG D 38 -24.36 -13.23 -15.21
N GLN D 39 -23.69 -12.93 -16.31
CA GLN D 39 -24.37 -12.49 -17.53
C GLN D 39 -23.58 -12.99 -18.73
N ALA D 40 -24.25 -13.72 -19.62
CA ALA D 40 -23.61 -14.21 -20.83
C ALA D 40 -23.47 -13.07 -21.84
N SER D 41 -22.70 -13.32 -22.89
CA SER D 41 -22.44 -12.31 -23.90
C SER D 41 -23.73 -11.91 -24.61
N GLY D 42 -24.08 -10.63 -24.52
CA GLY D 42 -25.28 -10.13 -25.14
C GLY D 42 -26.57 -10.63 -24.55
N LYS D 43 -26.51 -11.30 -23.40
CA LYS D 43 -27.67 -11.88 -22.76
C LYS D 43 -28.07 -11.06 -21.54
N GLY D 44 -29.06 -11.55 -20.79
CA GLY D 44 -29.55 -10.85 -19.62
C GLY D 44 -28.86 -11.30 -18.34
N LEU D 45 -29.20 -10.61 -17.26
CA LEU D 45 -28.62 -10.94 -15.96
C LEU D 45 -29.19 -12.26 -15.46
N GLU D 46 -28.31 -13.09 -14.91
CA GLU D 46 -28.70 -14.39 -14.35
C GLU D 46 -28.17 -14.45 -12.92
N TRP D 47 -29.09 -14.47 -11.96
CA TRP D 47 -28.70 -14.54 -10.55
C TRP D 47 -28.17 -15.93 -10.22
N VAL D 48 -27.00 -15.98 -9.57
CA VAL D 48 -26.32 -17.24 -9.30
C VAL D 48 -26.63 -17.72 -7.88
N GLY D 49 -26.24 -16.91 -6.89
CA GLY D 49 -26.43 -17.32 -5.51
C GLY D 49 -26.17 -16.16 -4.58
N ARG D 50 -26.29 -16.45 -3.29
CA ARG D 50 -26.10 -15.44 -2.26
C ARG D 50 -25.58 -16.09 -1.00
N ILE D 51 -24.65 -15.41 -0.33
CA ILE D 51 -24.20 -15.78 1.01
C ILE D 51 -24.75 -14.76 1.99
N SER D 52 -25.10 -15.23 3.18
CA SER D 52 -25.65 -14.35 4.19
C SER D 52 -24.52 -13.73 5.01
N SER D 53 -24.89 -12.97 6.03
CA SER D 53 -23.89 -12.36 6.89
C SER D 53 -23.26 -13.42 7.79
N ASN D 54 -22.12 -13.05 8.40
CA ASN D 54 -21.51 -13.94 9.38
C ASN D 54 -22.42 -14.15 10.58
N VAL D 55 -23.24 -13.14 10.90
CA VAL D 55 -24.22 -13.27 11.98
C VAL D 55 -25.23 -14.35 11.66
N ASN D 56 -25.73 -14.37 10.43
CA ASN D 56 -26.71 -15.36 10.01
C ASN D 56 -26.08 -16.71 9.65
N ASN D 57 -24.82 -16.93 10.04
CA ASN D 57 -24.13 -18.21 9.91
C ASN D 57 -23.90 -18.62 8.45
N ASP D 58 -23.76 -17.64 7.57
CA ASP D 58 -23.34 -17.86 6.17
C ASP D 58 -24.29 -18.81 5.46
N ALA D 59 -25.54 -18.38 5.31
CA ALA D 59 -26.54 -19.20 4.63
C ALA D 59 -26.31 -19.18 3.13
N THR D 60 -26.51 -20.33 2.50
CA THR D 60 -26.25 -20.51 1.07
C THR D 60 -27.55 -20.85 0.36
N VAL D 61 -27.90 -20.05 -0.64
CA VAL D 61 -29.02 -20.33 -1.54
C VAL D 61 -28.51 -20.20 -2.97
N TYR D 62 -28.96 -21.09 -3.86
CA TYR D 62 -28.48 -21.14 -5.23
C TYR D 62 -29.66 -21.20 -6.19
N ALA D 63 -29.40 -20.82 -7.43
CA ALA D 63 -30.41 -20.91 -8.48
C ALA D 63 -30.71 -22.38 -8.78
N ALA D 64 -31.93 -22.62 -9.26
CA ALA D 64 -32.36 -24.00 -9.52
C ALA D 64 -31.52 -24.65 -10.61
N SER D 65 -31.20 -23.91 -11.68
CA SER D 65 -30.44 -24.49 -12.78
C SER D 65 -29.03 -24.90 -12.35
N LEU D 66 -28.46 -24.22 -11.37
CA LEU D 66 -27.12 -24.54 -10.88
C LEU D 66 -27.20 -25.44 -9.64
N LYS D 67 -27.82 -26.61 -9.83
CA LYS D 67 -28.06 -27.54 -8.74
C LYS D 67 -26.81 -28.38 -8.48
N GLY D 68 -26.20 -28.17 -7.31
CA GLY D 68 -25.12 -29.04 -6.85
C GLY D 68 -23.80 -28.89 -7.55
N ARG D 69 -23.61 -27.84 -8.36
CA ARG D 69 -22.34 -27.62 -9.02
C ARG D 69 -21.62 -26.37 -8.54
N PHE D 70 -22.30 -25.48 -7.83
CA PHE D 70 -21.73 -24.22 -7.38
C PHE D 70 -21.73 -24.18 -5.87
N THR D 71 -20.68 -23.60 -5.31
CA THR D 71 -20.54 -23.49 -3.86
C THR D 71 -19.91 -22.16 -3.54
N ILE D 72 -20.55 -21.39 -2.67
CA ILE D 72 -20.07 -20.07 -2.26
C ILE D 72 -19.41 -20.23 -0.89
N SER D 73 -18.19 -19.71 -0.77
CA SER D 73 -17.46 -19.71 0.49
C SER D 73 -16.90 -18.31 0.72
N ARG D 74 -16.28 -18.12 1.88
CA ARG D 74 -15.73 -16.82 2.23
C ARG D 74 -14.54 -17.02 3.16
N ASP D 75 -13.73 -15.97 3.29
CA ASP D 75 -12.53 -15.99 4.12
C ASP D 75 -12.47 -14.67 4.89
N GLU D 76 -12.80 -14.74 6.18
CA GLU D 76 -12.77 -13.53 7.01
C GLU D 76 -11.36 -13.02 7.25
N SER D 77 -10.37 -13.90 7.18
CA SER D 77 -8.99 -13.49 7.42
C SER D 77 -8.47 -12.58 6.31
N LYS D 78 -8.90 -12.80 5.08
CA LYS D 78 -8.46 -12.00 3.94
C LYS D 78 -9.54 -11.05 3.44
N ASN D 79 -10.71 -11.04 4.06
CA ASN D 79 -11.82 -10.15 3.66
C ASN D 79 -12.20 -10.35 2.20
N MET D 80 -12.41 -11.61 1.82
CA MET D 80 -12.72 -11.97 0.45
C MET D 80 -13.83 -13.01 0.42
N ALA D 81 -14.54 -13.05 -0.71
CA ALA D 81 -15.59 -14.03 -0.94
C ALA D 81 -15.22 -14.89 -2.16
N TYR D 82 -15.61 -16.16 -2.11
CA TYR D 82 -15.19 -17.14 -3.09
C TYR D 82 -16.38 -17.69 -3.85
N LEU D 83 -16.12 -18.18 -5.06
CA LEU D 83 -17.11 -18.86 -5.88
C LEU D 83 -16.47 -20.13 -6.44
N GLN D 84 -17.01 -21.28 -6.04
CA GLN D 84 -16.54 -22.57 -6.55
C GLN D 84 -17.49 -23.06 -7.63
N MET D 85 -16.92 -23.54 -8.74
CA MET D 85 -17.69 -24.13 -9.82
C MET D 85 -17.08 -25.47 -10.20
N ASN D 86 -17.92 -26.50 -10.23
CA ASN D 86 -17.54 -27.81 -10.73
C ASN D 86 -18.44 -28.19 -11.89
N SER D 87 -17.98 -29.16 -12.68
CA SER D 87 -18.73 -29.70 -13.82
C SER D 87 -19.17 -28.58 -14.75
N LEU D 88 -18.16 -27.88 -15.30
CA LEU D 88 -18.39 -26.73 -16.16
C LEU D 88 -18.86 -27.16 -17.53
N LYS D 89 -19.63 -26.28 -18.18
CA LYS D 89 -20.18 -26.57 -19.50
C LYS D 89 -20.51 -25.24 -20.18
N ASN D 90 -20.88 -25.34 -21.45
CA ASN D 90 -20.87 -24.16 -22.33
C ASN D 90 -21.86 -23.08 -21.88
N GLU D 91 -22.92 -23.45 -21.17
CA GLU D 91 -23.84 -22.43 -20.66
C GLU D 91 -23.19 -21.54 -19.61
N ASP D 92 -22.15 -22.02 -18.94
CA ASP D 92 -21.56 -21.30 -17.81
C ASP D 92 -20.59 -20.20 -18.26
N THR D 93 -20.28 -20.13 -19.56
CA THR D 93 -19.42 -19.08 -20.09
C THR D 93 -20.13 -17.73 -19.99
N ALA D 94 -19.70 -16.89 -19.05
CA ALA D 94 -20.37 -15.62 -18.78
C ALA D 94 -19.42 -14.73 -18.00
N VAL D 95 -19.86 -13.51 -17.73
CA VAL D 95 -19.15 -12.55 -16.90
C VAL D 95 -19.80 -12.52 -15.53
N TYR D 96 -19.03 -12.80 -14.49
CA TYR D 96 -19.56 -12.93 -13.13
C TYR D 96 -19.23 -11.68 -12.32
N TYR D 97 -20.25 -11.13 -11.66
CA TYR D 97 -20.14 -9.89 -10.90
C TYR D 97 -20.37 -10.14 -9.42
N CYS D 98 -19.56 -9.51 -8.57
CA CYS D 98 -19.80 -9.50 -7.13
C CYS D 98 -20.37 -8.14 -6.73
N THR D 99 -21.45 -8.17 -5.96
CA THR D 99 -22.11 -6.95 -5.51
C THR D 99 -22.59 -7.14 -4.09
N VAL D 100 -22.54 -6.06 -3.32
CA VAL D 100 -23.07 -6.02 -1.97
C VAL D 100 -24.08 -4.89 -1.95
N VAL D 101 -25.36 -5.22 -1.97
CA VAL D 101 -26.45 -4.26 -1.87
C VAL D 101 -27.27 -4.60 -0.64
N PRO D 102 -27.39 -3.70 0.34
CA PRO D 102 -28.10 -4.04 1.58
C PRO D 102 -29.61 -3.98 1.48
N VAL D 103 -30.19 -3.53 0.37
CA VAL D 103 -31.63 -3.39 0.31
C VAL D 103 -32.35 -4.72 0.10
N LEU D 104 -31.77 -5.66 -0.66
CA LEU D 104 -32.45 -6.94 -0.89
C LEU D 104 -32.58 -7.78 0.38
N GLU D 105 -31.89 -7.41 1.44
CA GLU D 105 -32.07 -8.02 2.76
C GLU D 105 -33.12 -7.29 3.59
N TYR D 106 -34.00 -6.54 2.93
CA TYR D 106 -35.15 -5.86 3.54
C TYR D 106 -34.74 -4.71 4.45
N TYR D 107 -33.57 -4.12 4.22
CA TYR D 107 -33.17 -2.90 4.90
C TYR D 107 -33.88 -1.71 4.26
N GLN D 108 -33.56 -0.51 4.75
CA GLN D 108 -34.16 0.71 4.23
C GLN D 108 -33.29 1.38 3.16
N TYR D 109 -32.05 1.70 3.52
CA TYR D 109 -31.13 2.36 2.59
C TYR D 109 -29.82 1.58 2.53
N GLY D 110 -29.20 1.62 1.36
CA GLY D 110 -27.93 0.96 1.16
C GLY D 110 -27.22 1.51 -0.05
N MET D 111 -26.21 0.77 -0.50
CA MET D 111 -25.42 1.16 -1.65
C MET D 111 -25.27 -0.03 -2.59
N ASP D 112 -25.23 0.26 -3.89
CA ASP D 112 -25.06 -0.76 -4.92
C ASP D 112 -23.61 -0.72 -5.39
N VAL D 113 -22.76 -1.39 -4.63
CA VAL D 113 -21.35 -1.52 -4.99
C VAL D 113 -21.17 -2.79 -5.83
N TRP D 114 -20.46 -2.66 -6.95
CA TRP D 114 -20.31 -3.74 -7.91
C TRP D 114 -18.84 -3.96 -8.23
N GLY D 115 -18.54 -5.12 -8.79
CA GLY D 115 -17.23 -5.43 -9.30
C GLY D 115 -17.12 -5.14 -10.80
N GLN D 116 -15.91 -5.32 -11.31
CA GLN D 116 -15.64 -5.09 -12.72
C GLN D 116 -15.98 -6.29 -13.59
N GLY D 117 -16.23 -7.45 -12.99
CA GLY D 117 -16.53 -8.65 -13.74
C GLY D 117 -15.28 -9.43 -14.11
N THR D 118 -15.36 -10.75 -14.07
CA THR D 118 -14.26 -11.62 -14.45
C THR D 118 -14.78 -12.64 -15.45
N THR D 119 -14.33 -12.55 -16.68
CA THR D 119 -14.84 -13.42 -17.74
C THR D 119 -14.39 -14.86 -17.51
N VAL D 120 -15.36 -15.77 -17.46
CA VAL D 120 -15.10 -17.20 -17.38
C VAL D 120 -15.52 -17.81 -18.70
N THR D 121 -14.57 -18.45 -19.39
CA THR D 121 -14.80 -19.02 -20.71
C THR D 121 -14.57 -20.52 -20.66
N ILE D 122 -15.52 -21.28 -21.19
CA ILE D 122 -15.44 -22.74 -21.25
C ILE D 122 -15.14 -23.12 -22.68
N PHE D 123 -14.06 -23.87 -22.88
CA PHE D 123 -13.58 -24.21 -24.21
C PHE D 123 -13.42 -25.72 -24.34
N ASN D 124 -13.61 -26.23 -25.55
CA ASN D 124 -13.26 -27.60 -25.87
C ASN D 124 -11.98 -27.69 -26.69
N GLN D 125 -11.73 -26.72 -27.56
CA GLN D 125 -10.50 -26.63 -28.33
C GLN D 125 -10.09 -25.17 -28.46
N ILE D 126 -8.83 -24.95 -28.83
CA ILE D 126 -8.33 -23.62 -29.15
C ILE D 126 -7.99 -23.60 -30.64
N LYS D 127 -8.63 -22.70 -31.37
CA LYS D 127 -8.40 -22.55 -32.81
C LYS D 127 -8.13 -21.08 -33.12
N GLY D 128 -7.13 -20.85 -33.96
CA GLY D 128 -6.79 -19.51 -34.36
C GLY D 128 -7.62 -19.05 -35.53
N PRO D 129 -7.71 -17.73 -35.72
CA PRO D 129 -8.56 -17.18 -36.78
C PRO D 129 -7.87 -17.10 -38.12
N SER D 130 -8.66 -17.32 -39.17
CA SER D 130 -8.22 -17.09 -40.54
C SER D 130 -8.79 -15.75 -40.99
N VAL D 131 -7.95 -14.93 -41.60
CA VAL D 131 -8.31 -13.57 -41.99
C VAL D 131 -8.24 -13.46 -43.50
N PHE D 132 -9.38 -13.19 -44.13
CA PHE D 132 -9.42 -12.98 -45.57
C PHE D 132 -9.83 -11.55 -45.88
N PRO D 133 -9.30 -10.97 -46.95
CA PRO D 133 -9.61 -9.56 -47.24
C PRO D 133 -10.95 -9.39 -47.96
N LEU D 134 -11.64 -8.32 -47.61
CA LEU D 134 -12.82 -7.86 -48.35
C LEU D 134 -12.33 -6.77 -49.29
N ALA D 135 -12.08 -7.13 -50.54
CA ALA D 135 -11.48 -6.19 -51.48
C ALA D 135 -12.41 -5.00 -51.72
N PRO D 136 -11.87 -3.79 -51.83
CA PRO D 136 -12.73 -2.61 -52.04
C PRO D 136 -13.48 -2.69 -53.36
N SER D 137 -14.70 -2.16 -53.35
CA SER D 137 -15.54 -2.14 -54.55
C SER D 137 -15.61 -0.75 -55.14
N GLY D 143 -16.84 5.70 -57.49
CA GLY D 143 -17.69 6.62 -56.77
C GLY D 143 -16.93 7.51 -55.82
N GLY D 144 -17.63 8.09 -54.84
CA GLY D 144 -17.00 8.93 -53.85
C GLY D 144 -16.37 8.16 -52.71
N THR D 145 -17.16 7.29 -52.07
CA THR D 145 -16.69 6.48 -50.96
C THR D 145 -16.77 5.01 -51.33
N ALA D 146 -15.85 4.23 -50.78
CA ALA D 146 -15.78 2.78 -50.99
C ALA D 146 -15.79 2.07 -49.65
N ALA D 147 -15.93 0.75 -49.71
CA ALA D 147 -16.00 -0.08 -48.52
C ALA D 147 -14.99 -1.22 -48.62
N LEU D 148 -14.20 -1.41 -47.58
CA LEU D 148 -13.26 -2.52 -47.50
C LEU D 148 -13.24 -3.04 -46.08
N GLY D 149 -12.69 -4.24 -45.90
CA GLY D 149 -12.66 -4.81 -44.57
C GLY D 149 -11.95 -6.14 -44.56
N CYS D 150 -12.09 -6.82 -43.42
CA CYS D 150 -11.47 -8.12 -43.18
C CYS D 150 -12.52 -9.08 -42.65
N LEU D 151 -12.46 -10.33 -43.13
CA LEU D 151 -13.31 -11.40 -42.65
C LEU D 151 -12.49 -12.32 -41.75
N VAL D 152 -12.93 -12.50 -40.51
CA VAL D 152 -12.25 -13.30 -39.51
C VAL D 152 -13.06 -14.57 -39.30
N LYS D 153 -12.56 -15.69 -39.84
CA LYS D 153 -13.32 -16.93 -39.90
C LYS D 153 -12.66 -18.03 -39.08
N ASP D 154 -13.51 -18.89 -38.50
CA ASP D 154 -13.10 -20.17 -37.92
C ASP D 154 -12.08 -19.99 -36.78
N TYR D 155 -12.56 -19.36 -35.71
CA TYR D 155 -11.78 -19.23 -34.48
C TYR D 155 -12.62 -19.65 -33.29
N PHE D 156 -11.93 -20.06 -32.22
CA PHE D 156 -12.58 -20.49 -30.99
C PHE D 156 -11.54 -20.53 -29.88
N PRO D 157 -11.85 -20.05 -28.68
CA PRO D 157 -13.13 -19.42 -28.33
C PRO D 157 -13.09 -17.90 -28.47
N GLU D 158 -14.10 -17.23 -27.93
CA GLU D 158 -14.14 -15.78 -27.93
C GLU D 158 -13.14 -15.23 -26.91
N PRO D 159 -12.72 -13.96 -27.06
CA PRO D 159 -13.05 -13.00 -28.11
C PRO D 159 -11.89 -12.68 -29.04
N VAL D 160 -12.14 -11.83 -30.04
CA VAL D 160 -11.09 -11.24 -30.86
C VAL D 160 -11.31 -9.73 -30.87
N THR D 161 -10.22 -9.00 -31.08
CA THR D 161 -10.25 -7.55 -31.19
C THR D 161 -9.64 -7.16 -32.52
N VAL D 162 -10.33 -6.28 -33.25
CA VAL D 162 -9.90 -5.83 -34.57
C VAL D 162 -9.60 -4.35 -34.49
N SER D 163 -8.44 -3.95 -34.99
CA SER D 163 -8.06 -2.56 -35.13
C SER D 163 -7.62 -2.32 -36.56
N TRP D 164 -7.61 -1.04 -36.96
CA TRP D 164 -7.23 -0.66 -38.31
C TRP D 164 -6.07 0.32 -38.23
N ASN D 165 -4.98 0.01 -38.95
CA ASN D 165 -3.77 0.81 -38.95
C ASN D 165 -3.26 1.05 -37.53
N SER D 166 -3.30 0.00 -36.72
CA SER D 166 -2.81 0.03 -35.33
C SER D 166 -3.48 1.15 -34.53
N GLY D 167 -4.78 1.35 -34.78
CA GLY D 167 -5.57 2.32 -34.06
C GLY D 167 -5.62 3.71 -34.67
N ALA D 168 -4.84 3.96 -35.73
CA ALA D 168 -4.86 5.28 -36.36
C ALA D 168 -6.19 5.55 -37.06
N LEU D 169 -6.74 4.55 -37.73
CA LEU D 169 -8.00 4.69 -38.44
C LEU D 169 -9.13 4.17 -37.56
N THR D 170 -10.03 5.07 -37.17
CA THR D 170 -11.13 4.69 -36.29
C THR D 170 -12.48 5.20 -36.80
N SER D 171 -12.48 6.30 -37.55
CA SER D 171 -13.73 6.87 -38.02
C SER D 171 -14.31 6.03 -39.16
N GLY D 172 -15.60 5.70 -39.05
CA GLY D 172 -16.25 4.89 -40.07
C GLY D 172 -15.97 3.41 -39.98
N VAL D 173 -15.56 2.92 -38.83
CA VAL D 173 -15.23 1.51 -38.64
C VAL D 173 -16.40 0.83 -37.95
N HIS D 174 -16.81 -0.32 -38.47
CA HIS D 174 -17.88 -1.12 -37.89
C HIS D 174 -17.38 -2.56 -37.76
N THR D 175 -17.14 -3.00 -36.52
CA THR D 175 -16.76 -4.38 -36.24
C THR D 175 -17.96 -5.10 -35.65
N PHE D 176 -18.46 -6.10 -36.37
CA PHE D 176 -19.70 -6.76 -36.01
C PHE D 176 -19.46 -7.79 -34.91
N PRO D 177 -20.47 -8.03 -34.07
CA PRO D 177 -20.34 -9.09 -33.06
C PRO D 177 -20.19 -10.46 -33.72
N ALA D 178 -19.51 -11.36 -33.01
CA ALA D 178 -19.24 -12.69 -33.54
C ALA D 178 -20.53 -13.49 -33.71
N VAL D 179 -20.50 -14.42 -34.67
CA VAL D 179 -21.63 -15.29 -34.96
C VAL D 179 -21.16 -16.74 -34.84
N LEU D 180 -21.96 -17.57 -34.18
CA LEU D 180 -21.64 -18.98 -34.00
C LEU D 180 -22.10 -19.76 -35.22
N GLN D 181 -21.14 -20.28 -35.99
CA GLN D 181 -21.46 -21.03 -37.20
C GLN D 181 -21.88 -22.46 -36.84
N SER D 182 -22.25 -23.23 -37.86
CA SER D 182 -22.67 -24.60 -37.64
C SER D 182 -21.50 -25.48 -37.22
N SER D 183 -20.28 -25.13 -37.61
CA SER D 183 -19.10 -25.93 -37.26
C SER D 183 -18.70 -25.78 -35.79
N GLY D 184 -19.32 -24.86 -35.05
CA GLY D 184 -18.96 -24.62 -33.68
C GLY D 184 -17.91 -23.54 -33.47
N LEU D 185 -17.27 -23.08 -34.55
CA LEU D 185 -16.31 -22.00 -34.48
C LEU D 185 -17.00 -20.66 -34.75
N TYR D 186 -16.39 -19.59 -34.26
CA TYR D 186 -16.94 -18.26 -34.39
C TYR D 186 -16.43 -17.59 -35.66
N SER D 187 -17.25 -16.68 -36.18
CA SER D 187 -16.92 -15.88 -37.35
C SER D 187 -17.29 -14.42 -37.09
N LEU D 188 -16.58 -13.52 -37.76
CA LEU D 188 -16.71 -12.10 -37.50
C LEU D 188 -16.34 -11.32 -38.75
N SER D 189 -16.85 -10.10 -38.85
CA SER D 189 -16.51 -9.21 -39.95
C SER D 189 -16.19 -7.83 -39.39
N SER D 190 -15.27 -7.14 -40.06
CA SER D 190 -14.94 -5.76 -39.71
C SER D 190 -14.74 -4.98 -40.99
N VAL D 191 -15.44 -3.84 -41.12
CA VAL D 191 -15.43 -3.03 -42.33
C VAL D 191 -15.19 -1.57 -41.97
N VAL D 192 -14.73 -0.82 -42.97
CA VAL D 192 -14.48 0.61 -42.84
C VAL D 192 -14.82 1.29 -44.16
N THR D 193 -15.44 2.47 -44.09
CA THR D 193 -15.76 3.26 -45.27
C THR D 193 -14.72 4.37 -45.42
N VAL D 194 -14.08 4.42 -46.58
CA VAL D 194 -13.04 5.41 -46.86
C VAL D 194 -13.31 6.04 -48.23
N PRO D 195 -12.79 7.24 -48.46
CA PRO D 195 -12.92 7.84 -49.80
C PRO D 195 -12.24 6.98 -50.85
N SER D 196 -12.88 6.90 -52.02
CA SER D 196 -12.34 6.07 -53.10
C SER D 196 -11.10 6.70 -53.73
N SER D 197 -10.88 8.00 -53.54
CA SER D 197 -9.69 8.63 -54.11
C SER D 197 -8.43 8.22 -53.37
N SER D 198 -8.56 7.83 -52.10
CA SER D 198 -7.42 7.42 -51.29
C SER D 198 -7.15 5.92 -51.37
N LEU D 199 -7.79 5.22 -52.31
CA LEU D 199 -7.62 3.77 -52.40
C LEU D 199 -6.21 3.41 -52.86
N GLY D 200 -5.71 4.09 -53.89
CA GLY D 200 -4.38 3.78 -54.39
C GLY D 200 -3.23 4.38 -53.62
N THR D 201 -3.50 5.36 -52.76
CA THR D 201 -2.45 6.05 -52.01
C THR D 201 -2.32 5.57 -50.57
N GLN D 202 -3.43 5.56 -49.82
CA GLN D 202 -3.39 5.19 -48.41
C GLN D 202 -3.45 3.68 -48.26
N THR D 203 -2.58 3.14 -47.40
CA THR D 203 -2.56 1.72 -47.11
C THR D 203 -3.52 1.42 -45.97
N TYR D 204 -4.19 0.26 -46.05
CA TYR D 204 -5.17 -0.14 -45.05
C TYR D 204 -4.83 -1.52 -44.53
N ILE D 205 -4.61 -1.62 -43.22
CA ILE D 205 -4.23 -2.86 -42.56
C ILE D 205 -5.18 -3.10 -41.40
N CYS D 206 -5.72 -4.31 -41.32
CA CYS D 206 -6.54 -4.71 -40.17
C CYS D 206 -5.71 -5.58 -39.24
N ASN D 207 -5.90 -5.37 -37.94
CA ASN D 207 -5.09 -6.02 -36.91
C ASN D 207 -6.00 -6.86 -36.01
N VAL D 208 -5.95 -8.17 -36.18
CA VAL D 208 -6.75 -9.11 -35.41
C VAL D 208 -5.89 -9.75 -34.34
N ASN D 209 -6.36 -9.70 -33.10
CA ASN D 209 -5.67 -10.31 -31.98
C ASN D 209 -6.58 -11.32 -31.31
N HIS D 210 -6.09 -12.55 -31.15
CA HIS D 210 -6.82 -13.64 -30.50
C HIS D 210 -5.98 -14.12 -29.32
N LYS D 211 -6.26 -13.58 -28.14
CA LYS D 211 -5.48 -13.94 -26.96
C LYS D 211 -5.50 -15.43 -26.62
N PRO D 212 -6.64 -16.14 -26.65
CA PRO D 212 -6.61 -17.56 -26.26
C PRO D 212 -5.63 -18.40 -27.08
N SER D 213 -5.40 -18.07 -28.34
CA SER D 213 -4.43 -18.77 -29.17
C SER D 213 -3.11 -18.01 -29.30
N ASN D 214 -2.99 -16.86 -28.64
CA ASN D 214 -1.78 -16.03 -28.68
C ASN D 214 -1.38 -15.70 -30.12
N THR D 215 -2.38 -15.42 -30.95
CA THR D 215 -2.17 -15.12 -32.36
C THR D 215 -2.51 -13.68 -32.66
N LYS D 216 -1.73 -13.06 -33.55
CA LYS D 216 -1.96 -11.70 -34.01
C LYS D 216 -1.75 -11.68 -35.51
N VAL D 217 -2.79 -11.32 -36.26
CA VAL D 217 -2.75 -11.33 -37.72
C VAL D 217 -2.92 -9.90 -38.22
N ASP D 218 -2.08 -9.51 -39.17
CA ASP D 218 -2.16 -8.21 -39.82
C ASP D 218 -2.32 -8.44 -41.31
N LYS D 219 -3.46 -8.02 -41.85
CA LYS D 219 -3.82 -8.26 -43.24
C LYS D 219 -3.86 -6.94 -43.99
N LYS D 220 -3.25 -6.92 -45.18
CA LYS D 220 -3.22 -5.74 -46.03
C LYS D 220 -4.34 -5.89 -47.07
N VAL D 221 -5.38 -5.08 -46.93
CA VAL D 221 -6.53 -5.11 -47.84
C VAL D 221 -6.23 -4.20 -49.02
N GLU D 222 -6.09 -4.79 -50.20
CA GLU D 222 -5.81 -4.07 -51.42
C GLU D 222 -6.80 -4.49 -52.50
N PRO D 223 -7.05 -3.62 -53.50
CA PRO D 223 -7.94 -3.96 -54.62
C PRO D 223 -7.52 -5.25 -55.34
N ASP E 1 -40.65 -21.89 -7.92
CA ASP E 1 -39.88 -20.80 -8.53
C ASP E 1 -40.80 -19.71 -9.07
N ILE E 2 -40.24 -18.53 -9.29
CA ILE E 2 -40.98 -17.38 -9.79
C ILE E 2 -40.23 -16.82 -10.99
N GLN E 3 -40.93 -16.66 -12.11
CA GLN E 3 -40.36 -16.12 -13.33
C GLN E 3 -40.88 -14.71 -13.57
N LEU E 4 -39.97 -13.81 -13.95
CA LEU E 4 -40.30 -12.42 -14.20
C LEU E 4 -40.25 -12.15 -15.70
N THR E 5 -41.31 -11.53 -16.22
CA THR E 5 -41.41 -11.21 -17.64
C THR E 5 -41.43 -9.70 -17.81
N GLN E 6 -40.52 -9.20 -18.64
CA GLN E 6 -40.42 -7.78 -18.93
C GLN E 6 -41.06 -7.48 -20.28
N SER E 7 -41.91 -6.46 -20.31
CA SER E 7 -42.61 -6.04 -21.52
C SER E 7 -42.43 -4.54 -21.70
N PRO E 8 -41.98 -4.09 -22.87
CA PRO E 8 -41.63 -4.96 -24.00
C PRO E 8 -40.19 -5.44 -23.93
N SER E 9 -39.75 -6.19 -24.94
CA SER E 9 -38.35 -6.59 -25.02
C SER E 9 -37.45 -5.44 -25.44
N THR E 10 -37.98 -4.52 -26.25
CA THR E 10 -37.23 -3.34 -26.68
C THR E 10 -38.22 -2.29 -27.15
N LEU E 11 -37.83 -1.02 -27.03
CA LEU E 11 -38.66 0.08 -27.50
C LEU E 11 -37.78 1.26 -27.86
N SER E 12 -38.34 2.17 -28.66
CA SER E 12 -37.65 3.35 -29.14
C SER E 12 -38.41 4.60 -28.73
N ALA E 13 -37.68 5.63 -28.34
CA ALA E 13 -38.29 6.90 -27.95
C ALA E 13 -37.24 8.00 -28.05
N SER E 14 -37.70 9.23 -28.25
CA SER E 14 -36.81 10.37 -28.37
C SER E 14 -36.49 10.94 -26.99
N VAL E 15 -35.84 12.09 -26.96
CA VAL E 15 -35.46 12.72 -25.70
C VAL E 15 -36.64 13.51 -25.14
N GLY E 16 -36.89 13.36 -23.84
CA GLY E 16 -37.94 14.12 -23.19
C GLY E 16 -39.32 13.53 -23.30
N ASP E 17 -39.43 12.22 -23.54
CA ASP E 17 -40.70 11.54 -23.67
C ASP E 17 -40.94 10.64 -22.46
N ARG E 18 -42.21 10.43 -22.14
CA ARG E 18 -42.58 9.52 -21.06
C ARG E 18 -42.56 8.10 -21.59
N VAL E 19 -41.85 7.21 -20.87
CA VAL E 19 -41.68 5.83 -21.28
C VAL E 19 -42.06 4.92 -20.13
N ILE E 20 -42.82 3.87 -20.44
CA ILE E 20 -43.27 2.90 -19.44
C ILE E 20 -42.55 1.58 -19.66
N ILE E 21 -42.27 0.88 -18.56
CA ILE E 21 -41.69 -0.45 -18.61
C ILE E 21 -42.42 -1.31 -17.59
N THR E 22 -42.98 -2.43 -18.04
CA THR E 22 -43.80 -3.28 -17.19
C THR E 22 -43.04 -4.56 -16.85
N CYS E 23 -43.16 -4.99 -15.59
CA CYS E 23 -42.52 -6.20 -15.10
C CYS E 23 -43.56 -7.00 -14.34
N ARG E 24 -44.01 -8.12 -14.93
CA ARG E 24 -45.06 -8.95 -14.37
C ARG E 24 -44.47 -10.24 -13.80
N ALA E 25 -44.96 -10.65 -12.64
CA ALA E 25 -44.49 -11.85 -11.95
C ALA E 25 -45.51 -12.96 -12.07
N SER E 26 -45.01 -14.20 -11.96
CA SER E 26 -45.89 -15.37 -11.96
C SER E 26 -46.70 -15.44 -10.67
N GLN E 27 -46.01 -15.52 -9.54
CA GLN E 27 -46.65 -15.51 -8.23
C GLN E 27 -46.53 -14.12 -7.63
N SER E 28 -47.53 -13.74 -6.82
CA SER E 28 -47.51 -12.45 -6.15
C SER E 28 -46.34 -12.37 -5.18
N ILE E 29 -45.49 -11.36 -5.38
CA ILE E 29 -44.26 -11.19 -4.60
C ILE E 29 -44.43 -10.14 -3.50
N SER E 30 -45.64 -9.64 -3.30
CA SER E 30 -45.93 -8.49 -2.46
C SER E 30 -45.33 -7.24 -3.06
N THR E 31 -44.29 -6.68 -2.42
CA THR E 31 -43.69 -5.44 -2.89
C THR E 31 -42.17 -5.52 -3.03
N TRP E 32 -41.59 -6.71 -2.86
CA TRP E 32 -40.14 -6.88 -2.93
C TRP E 32 -39.71 -6.99 -4.39
N LEU E 33 -39.51 -5.84 -5.03
CA LEU E 33 -39.06 -5.78 -6.41
C LEU E 33 -38.06 -4.64 -6.56
N ALA E 34 -37.03 -4.86 -7.38
CA ALA E 34 -35.98 -3.88 -7.60
C ALA E 34 -35.75 -3.69 -9.10
N TRP E 35 -35.25 -2.51 -9.45
CA TRP E 35 -34.99 -2.13 -10.83
C TRP E 35 -33.53 -1.78 -11.02
N TYR E 36 -32.96 -2.22 -12.15
CA TYR E 36 -31.56 -1.99 -12.48
C TYR E 36 -31.46 -1.39 -13.88
N GLN E 37 -30.34 -0.71 -14.12
CA GLN E 37 -30.00 -0.20 -15.44
C GLN E 37 -28.54 -0.53 -15.73
N GLN E 38 -28.26 -0.93 -16.97
CA GLN E 38 -26.93 -1.41 -17.34
C GLN E 38 -26.54 -0.78 -18.68
N ARG E 39 -25.55 0.11 -18.64
CA ARG E 39 -24.97 0.65 -19.86
C ARG E 39 -24.03 -0.39 -20.47
N PRO E 40 -23.78 -0.30 -21.78
CA PRO E 40 -22.93 -1.31 -22.43
C PRO E 40 -21.54 -1.37 -21.80
N GLY E 41 -21.08 -2.60 -21.58
CA GLY E 41 -19.76 -2.81 -20.97
C GLY E 41 -19.62 -2.21 -19.59
N GLN E 42 -20.69 -2.22 -18.80
CA GLN E 42 -20.69 -1.56 -17.50
C GLN E 42 -21.46 -2.42 -16.50
N ALA E 43 -21.13 -2.24 -15.23
CA ALA E 43 -21.85 -2.95 -14.18
C ALA E 43 -23.23 -2.32 -13.96
N PRO E 44 -24.24 -3.12 -13.64
CA PRO E 44 -25.58 -2.55 -13.46
C PRO E 44 -25.66 -1.66 -12.22
N LYS E 45 -26.39 -0.56 -12.36
CA LYS E 45 -26.69 0.35 -11.27
C LYS E 45 -28.06 -0.01 -10.68
N LEU E 46 -28.20 0.18 -9.37
CA LEU E 46 -29.49 0.02 -8.70
C LEU E 46 -30.29 1.31 -8.81
N LEU E 47 -31.55 1.19 -9.23
CA LEU E 47 -32.40 2.34 -9.48
C LEU E 47 -33.57 2.43 -8.50
N ILE E 48 -34.42 1.40 -8.46
CA ILE E 48 -35.60 1.37 -7.63
C ILE E 48 -35.50 0.17 -6.71
N TYR E 49 -35.88 0.33 -5.45
CA TYR E 49 -36.03 -0.80 -4.54
C TYR E 49 -37.38 -0.70 -3.85
N LYS E 50 -37.96 -1.86 -3.54
CA LYS E 50 -39.31 -1.97 -2.97
C LYS E 50 -40.36 -1.35 -3.90
N ALA E 51 -40.02 -1.21 -5.18
CA ALA E 51 -40.91 -0.81 -6.26
C ALA E 51 -41.25 0.69 -6.23
N SER E 52 -40.83 1.42 -5.20
CA SER E 52 -41.19 2.83 -5.15
C SER E 52 -40.07 3.79 -4.73
N ILE E 53 -39.03 3.35 -4.02
CA ILE E 53 -38.05 4.27 -3.45
C ILE E 53 -36.81 4.36 -4.33
N LEU E 54 -36.31 5.57 -4.51
CA LEU E 54 -35.14 5.81 -5.34
C LEU E 54 -33.87 5.61 -4.53
N GLN E 55 -32.84 5.10 -5.20
CA GLN E 55 -31.53 4.98 -4.58
C GLN E 55 -30.88 6.36 -4.47
N SER E 56 -29.93 6.48 -3.56
CA SER E 56 -29.19 7.73 -3.42
C SER E 56 -28.40 8.01 -4.69
N GLY E 57 -28.70 9.16 -5.32
CA GLY E 57 -27.95 9.63 -6.46
C GLY E 57 -28.71 9.58 -7.79
N VAL E 58 -29.75 8.77 -7.90
CA VAL E 58 -30.49 8.71 -9.15
C VAL E 58 -31.41 9.93 -9.24
N PRO E 59 -31.53 10.57 -10.40
CA PRO E 59 -32.32 11.80 -10.51
C PRO E 59 -33.79 11.53 -10.26
N PRO E 60 -34.55 12.56 -9.84
CA PRO E 60 -35.96 12.34 -9.48
C PRO E 60 -36.85 11.98 -10.67
N ARG E 61 -36.38 12.16 -11.91
CA ARG E 61 -37.19 11.80 -13.08
C ARG E 61 -37.55 10.33 -13.11
N PHE E 62 -36.79 9.48 -12.41
CA PHE E 62 -37.11 8.07 -12.31
C PHE E 62 -38.23 7.88 -11.29
N SER E 63 -39.15 6.97 -11.60
CA SER E 63 -40.25 6.70 -10.70
C SER E 63 -40.78 5.29 -10.96
N GLY E 64 -41.05 4.56 -9.89
CA GLY E 64 -41.61 3.23 -9.99
C GLY E 64 -42.83 3.08 -9.12
N SER E 65 -43.71 2.17 -9.53
CA SER E 65 -44.92 1.89 -8.77
C SER E 65 -45.38 0.47 -9.09
N GLY E 66 -46.25 -0.04 -8.24
CA GLY E 66 -46.83 -1.36 -8.43
C GLY E 66 -46.89 -2.13 -7.13
N SER E 67 -47.69 -3.20 -7.15
CA SER E 67 -47.85 -4.06 -5.99
C SER E 67 -48.45 -5.38 -6.45
N GLY E 68 -48.01 -6.47 -5.83
CA GLY E 68 -48.53 -7.79 -6.17
C GLY E 68 -47.82 -8.41 -7.35
N THR E 69 -48.43 -8.33 -8.54
CA THR E 69 -47.86 -8.92 -9.74
C THR E 69 -47.60 -7.91 -10.87
N ASP E 70 -48.20 -6.73 -10.83
CA ASP E 70 -48.04 -5.73 -11.88
C ASP E 70 -47.15 -4.61 -11.35
N PHE E 71 -46.06 -4.32 -12.07
CA PHE E 71 -45.12 -3.28 -11.68
C PHE E 71 -44.72 -2.49 -12.91
N THR E 72 -44.36 -1.23 -12.70
CA THR E 72 -44.06 -0.32 -13.80
C THR E 72 -42.87 0.57 -13.43
N LEU E 73 -42.00 0.82 -14.41
CA LEU E 73 -40.96 1.83 -14.33
C LEU E 73 -41.28 2.91 -15.35
N THR E 74 -41.29 4.16 -14.90
CA THR E 74 -41.65 5.30 -15.73
C THR E 74 -40.53 6.32 -15.73
N ILE E 75 -40.17 6.79 -16.92
CA ILE E 75 -39.25 7.91 -17.08
C ILE E 75 -40.08 9.09 -17.56
N SER E 76 -40.30 10.07 -16.68
CA SER E 76 -41.13 11.22 -17.03
C SER E 76 -40.49 12.06 -18.13
N ARG E 77 -39.15 12.14 -18.15
CA ARG E 77 -38.43 12.94 -19.15
C ARG E 77 -37.21 12.14 -19.57
N LEU E 78 -37.19 11.72 -20.83
CA LEU E 78 -36.06 10.93 -21.32
C LEU E 78 -34.84 11.82 -21.49
N GLN E 79 -33.67 11.23 -21.28
CA GLN E 79 -32.39 11.91 -21.32
C GLN E 79 -31.38 11.01 -22.01
N PRO E 80 -30.33 11.57 -22.62
CA PRO E 80 -29.40 10.73 -23.38
C PRO E 80 -28.72 9.62 -22.60
N ASP E 81 -28.49 9.78 -21.29
CA ASP E 81 -27.72 8.75 -20.58
C ASP E 81 -28.57 7.58 -20.12
N ASP E 82 -29.90 7.67 -20.22
CA ASP E 82 -30.79 6.61 -19.78
C ASP E 82 -31.10 5.61 -20.88
N PHE E 83 -30.42 5.72 -22.02
CA PHE E 83 -30.68 4.85 -23.16
C PHE E 83 -29.78 3.62 -23.04
N ALA E 84 -30.25 2.66 -22.24
CA ALA E 84 -29.53 1.43 -21.98
C ALA E 84 -30.55 0.33 -21.70
N THR E 85 -30.09 -0.78 -21.14
CA THR E 85 -30.96 -1.90 -20.81
C THR E 85 -31.36 -1.84 -19.34
N TYR E 86 -32.59 -2.27 -19.04
CA TYR E 86 -33.13 -2.22 -17.69
C TYR E 86 -33.61 -3.61 -17.29
N TYR E 87 -33.42 -3.96 -16.02
CA TYR E 87 -33.78 -5.27 -15.50
C TYR E 87 -34.55 -5.10 -14.20
N CYS E 88 -35.54 -5.96 -13.98
CA CYS E 88 -36.30 -6.00 -12.74
C CYS E 88 -35.99 -7.30 -12.00
N GLN E 89 -35.88 -7.21 -10.68
CA GLN E 89 -35.50 -8.34 -9.84
C GLN E 89 -36.41 -8.40 -8.62
N GLN E 90 -36.70 -9.63 -8.17
CA GLN E 90 -37.55 -9.87 -7.02
C GLN E 90 -36.72 -10.43 -5.86
N TYR E 91 -37.05 -10.01 -4.63
CA TYR E 91 -36.44 -10.51 -3.41
C TYR E 91 -37.51 -10.85 -2.37
N ASP E 92 -38.50 -11.64 -2.77
CA ASP E 92 -39.56 -12.12 -1.88
C ASP E 92 -39.06 -13.08 -0.80
N SER E 93 -37.82 -13.56 -0.87
CA SER E 93 -37.42 -14.54 0.12
C SER E 93 -36.00 -14.34 0.64
N ASP E 94 -35.86 -14.57 1.94
CA ASP E 94 -34.56 -14.64 2.59
C ASP E 94 -34.06 -16.07 2.65
N SER E 95 -34.81 -17.02 2.08
CA SER E 95 -34.44 -18.42 2.07
C SER E 95 -34.62 -19.10 0.72
N GLN E 96 -35.27 -18.45 -0.25
CA GLN E 96 -35.56 -19.02 -1.56
C GLN E 96 -34.85 -18.24 -2.66
N PRO E 97 -34.64 -18.85 -3.83
CA PRO E 97 -33.82 -18.20 -4.85
C PRO E 97 -34.43 -16.91 -5.40
N LEU E 98 -33.56 -16.11 -6.01
CA LEU E 98 -33.92 -14.83 -6.61
C LEU E 98 -33.77 -14.92 -8.13
N THR E 99 -34.61 -14.18 -8.84
CA THR E 99 -34.68 -14.27 -10.30
C THR E 99 -34.66 -12.86 -10.90
N PHE E 100 -34.15 -12.78 -12.12
CA PHE E 100 -34.07 -11.53 -12.88
C PHE E 100 -35.10 -11.51 -14.00
N GLY E 101 -35.24 -10.33 -14.63
CA GLY E 101 -36.10 -10.18 -15.77
C GLY E 101 -35.38 -10.38 -17.10
N GLY E 102 -36.16 -10.41 -18.17
CA GLY E 102 -35.60 -10.60 -19.49
C GLY E 102 -34.81 -9.43 -20.01
N GLY E 103 -35.07 -8.23 -19.51
CA GLY E 103 -34.37 -7.04 -19.96
C GLY E 103 -35.19 -6.24 -20.95
N THR E 104 -34.98 -4.92 -20.92
CA THR E 104 -35.69 -4.00 -21.82
C THR E 104 -34.67 -3.00 -22.37
N LYS E 105 -34.27 -3.21 -23.62
CA LYS E 105 -33.33 -2.30 -24.28
C LYS E 105 -34.08 -1.06 -24.77
N LEU E 106 -33.72 0.11 -24.24
CA LEU E 106 -34.36 1.36 -24.58
C LEU E 106 -33.44 2.16 -25.50
N GLU E 107 -33.86 2.37 -26.74
CA GLU E 107 -33.06 3.00 -27.78
C GLU E 107 -33.69 4.29 -28.26
N ILE E 108 -32.94 5.04 -29.08
CA ILE E 108 -33.37 6.34 -29.56
C ILE E 108 -34.24 6.18 -30.81
N LYS E 109 -34.95 7.25 -31.15
CA LYS E 109 -35.69 7.35 -32.40
C LYS E 109 -35.14 8.54 -33.17
N ARG E 110 -34.68 8.29 -34.40
CA ARG E 110 -34.21 9.37 -35.27
C ARG E 110 -34.83 9.20 -36.65
N THR E 111 -34.40 10.01 -37.61
CA THR E 111 -34.98 9.96 -38.94
C THR E 111 -34.66 8.65 -39.65
N VAL E 112 -35.54 8.27 -40.58
CA VAL E 112 -35.33 7.09 -41.40
C VAL E 112 -34.14 7.32 -42.31
N ALA E 113 -33.20 6.37 -42.32
CA ALA E 113 -31.99 6.47 -43.11
C ALA E 113 -31.84 5.25 -44.00
N ALA E 114 -31.57 5.47 -45.28
CA ALA E 114 -31.35 4.37 -46.21
C ALA E 114 -29.94 3.81 -46.05
N PRO E 115 -29.77 2.50 -46.21
CA PRO E 115 -28.44 1.90 -46.04
C PRO E 115 -27.61 1.99 -47.31
N SER E 116 -26.31 2.21 -47.12
CA SER E 116 -25.34 2.04 -48.18
C SER E 116 -24.98 0.56 -48.28
N VAL E 117 -25.16 -0.03 -49.46
CA VAL E 117 -25.07 -1.47 -49.65
C VAL E 117 -23.84 -1.78 -50.47
N PHE E 118 -23.01 -2.70 -49.97
CA PHE E 118 -21.83 -3.18 -50.67
C PHE E 118 -21.84 -4.71 -50.66
N ILE E 119 -21.30 -5.29 -51.73
CA ILE E 119 -21.14 -6.73 -51.84
C ILE E 119 -19.67 -7.05 -51.99
N PHE E 120 -19.26 -8.19 -51.42
CA PHE E 120 -17.85 -8.58 -51.36
C PHE E 120 -17.65 -9.98 -51.92
N PRO E 121 -16.95 -10.14 -53.02
CA PRO E 121 -16.66 -11.48 -53.55
C PRO E 121 -15.72 -12.24 -52.62
N PRO E 122 -15.77 -13.56 -52.65
CA PRO E 122 -14.82 -14.34 -51.84
C PRO E 122 -13.40 -14.09 -52.29
N SER E 123 -12.48 -14.03 -51.34
CA SER E 123 -11.08 -13.82 -51.65
C SER E 123 -10.48 -15.06 -52.31
N ASP E 124 -9.52 -14.82 -53.20
CA ASP E 124 -8.81 -15.92 -53.84
C ASP E 124 -8.12 -16.81 -52.82
N GLU E 125 -7.66 -16.25 -51.71
CA GLU E 125 -7.05 -17.05 -50.66
C GLU E 125 -8.03 -18.04 -50.06
N GLN E 126 -9.26 -17.61 -49.79
CA GLN E 126 -10.25 -18.49 -49.18
C GLN E 126 -10.70 -19.58 -50.15
N LEU E 127 -10.69 -19.30 -51.45
CA LEU E 127 -11.13 -20.31 -52.41
C LEU E 127 -10.20 -21.51 -52.42
N LYS E 128 -8.89 -21.28 -52.28
CA LYS E 128 -7.94 -22.38 -52.26
C LYS E 128 -8.16 -23.32 -51.07
N SER E 129 -8.79 -22.85 -50.00
CA SER E 129 -9.11 -23.70 -48.86
C SER E 129 -10.33 -24.59 -49.10
N GLY E 130 -11.15 -24.26 -50.09
CA GLY E 130 -12.31 -25.07 -50.41
C GLY E 130 -13.64 -24.52 -49.95
N THR E 131 -13.69 -23.29 -49.46
CA THR E 131 -14.94 -22.69 -48.99
C THR E 131 -14.99 -21.24 -49.42
N ALA E 132 -16.14 -20.82 -49.96
CA ALA E 132 -16.35 -19.45 -50.40
C ALA E 132 -17.26 -18.73 -49.42
N SER E 133 -16.95 -17.47 -49.15
CA SER E 133 -17.75 -16.62 -48.28
C SER E 133 -18.03 -15.30 -48.98
N VAL E 134 -19.31 -15.02 -49.23
CA VAL E 134 -19.75 -13.77 -49.83
C VAL E 134 -20.38 -12.91 -48.74
N VAL E 135 -19.90 -11.68 -48.62
CA VAL E 135 -20.33 -10.78 -47.55
C VAL E 135 -21.10 -9.60 -48.15
N CYS E 136 -22.16 -9.20 -47.46
CA CYS E 136 -22.96 -8.03 -47.82
C CYS E 136 -22.97 -7.07 -46.64
N LEU E 137 -22.69 -5.80 -46.90
CA LEU E 137 -22.61 -4.78 -45.86
C LEU E 137 -23.74 -3.77 -46.03
N LEU E 138 -24.46 -3.52 -44.95
CA LEU E 138 -25.52 -2.52 -44.89
C LEU E 138 -25.10 -1.47 -43.88
N ASN E 139 -24.69 -0.30 -44.36
CA ASN E 139 -24.06 0.72 -43.52
C ASN E 139 -25.03 1.84 -43.19
N ASN E 140 -25.16 2.13 -41.89
CA ASN E 140 -25.76 3.37 -41.37
C ASN E 140 -27.19 3.56 -41.86
N PHE E 141 -28.08 2.69 -41.36
CA PHE E 141 -29.49 2.72 -41.71
C PHE E 141 -30.36 2.72 -40.46
N TYR E 142 -31.63 3.10 -40.67
CA TYR E 142 -32.72 3.12 -39.69
C TYR E 142 -34.02 3.06 -40.49
N PRO E 143 -35.01 2.23 -40.11
CA PRO E 143 -35.10 1.37 -38.92
C PRO E 143 -34.17 0.15 -38.94
N ARG E 144 -34.02 -0.49 -37.78
CA ARG E 144 -33.17 -1.66 -37.68
C ARG E 144 -33.72 -2.82 -38.51
N GLU E 145 -35.04 -2.88 -38.67
CA GLU E 145 -35.66 -3.99 -39.39
C GLU E 145 -35.40 -3.84 -40.88
N ALA E 146 -34.77 -4.86 -41.47
CA ALA E 146 -34.51 -4.89 -42.89
C ALA E 146 -34.55 -6.34 -43.34
N LYS E 147 -34.86 -6.55 -44.62
CA LYS E 147 -34.95 -7.89 -45.20
C LYS E 147 -33.79 -8.06 -46.16
N VAL E 148 -32.85 -8.92 -45.80
CA VAL E 148 -31.67 -9.19 -46.62
C VAL E 148 -31.81 -10.59 -47.18
N GLN E 149 -31.74 -10.71 -48.50
CA GLN E 149 -31.88 -11.99 -49.18
C GLN E 149 -30.72 -12.18 -50.14
N TRP E 150 -30.38 -13.44 -50.39
CA TRP E 150 -29.26 -13.79 -51.25
C TRP E 150 -29.78 -14.46 -52.50
N LYS E 151 -29.29 -14.03 -53.65
CA LYS E 151 -29.64 -14.61 -54.93
C LYS E 151 -28.37 -15.10 -55.62
N VAL E 152 -28.40 -16.34 -56.09
CA VAL E 152 -27.29 -16.94 -56.82
C VAL E 152 -27.83 -17.38 -58.16
N ASP E 153 -27.35 -16.77 -59.24
CA ASP E 153 -27.92 -16.96 -60.57
C ASP E 153 -29.42 -16.67 -60.55
N ASN E 154 -29.80 -15.59 -59.88
CA ASN E 154 -31.19 -15.15 -59.73
C ASN E 154 -32.04 -16.18 -58.99
N ALA E 155 -31.42 -17.12 -58.28
CA ALA E 155 -32.13 -18.11 -57.49
C ALA E 155 -32.03 -17.75 -56.03
N LEU E 156 -33.20 -17.68 -55.37
CA LEU E 156 -33.25 -17.31 -53.96
C LEU E 156 -32.56 -18.38 -53.13
N GLN E 157 -31.56 -17.97 -52.37
CA GLN E 157 -30.82 -18.86 -51.48
C GLN E 157 -31.40 -18.78 -50.08
N SER E 158 -31.36 -19.92 -49.37
CA SER E 158 -31.95 -19.97 -48.04
C SER E 158 -31.20 -20.99 -47.19
N GLY E 159 -31.03 -20.66 -45.90
CA GLY E 159 -30.45 -21.57 -44.93
C GLY E 159 -28.93 -21.61 -44.90
N ASN E 160 -28.25 -20.91 -45.80
CA ASN E 160 -26.80 -20.94 -45.89
C ASN E 160 -26.22 -19.53 -45.74
N SER E 161 -26.81 -18.74 -44.85
CA SER E 161 -26.35 -17.37 -44.61
C SER E 161 -26.60 -17.03 -43.15
N GLN E 162 -25.69 -16.24 -42.58
CA GLN E 162 -25.80 -15.78 -41.21
C GLN E 162 -25.72 -14.26 -41.17
N GLU E 163 -26.46 -13.66 -40.24
CA GLU E 163 -26.62 -12.22 -40.15
C GLU E 163 -26.11 -11.70 -38.81
N SER E 164 -25.44 -10.56 -38.85
CA SER E 164 -24.99 -9.89 -37.64
C SER E 164 -25.31 -8.40 -37.73
N VAL E 165 -25.70 -7.81 -36.60
CA VAL E 165 -26.04 -6.40 -36.54
C VAL E 165 -25.30 -5.76 -35.36
N THR E 166 -24.69 -4.61 -35.61
CA THR E 166 -23.98 -3.88 -34.57
C THR E 166 -24.97 -3.18 -33.65
N GLU E 167 -24.47 -2.77 -32.50
CA GLU E 167 -25.25 -1.87 -31.66
C GLU E 167 -25.34 -0.50 -32.32
N GLN E 168 -26.43 0.21 -32.02
CA GLN E 168 -26.71 1.45 -32.71
C GLN E 168 -25.64 2.50 -32.38
N ASP E 169 -25.21 3.22 -33.41
CA ASP E 169 -24.10 4.16 -33.26
C ASP E 169 -24.47 5.29 -32.31
N SER E 170 -23.48 5.74 -31.54
CA SER E 170 -23.67 6.86 -30.63
C SER E 170 -23.54 8.21 -31.32
N LYS E 171 -22.97 8.26 -32.52
CA LYS E 171 -22.75 9.53 -33.20
C LYS E 171 -23.89 9.88 -34.17
N ASP E 172 -24.10 9.06 -35.19
CA ASP E 172 -25.14 9.31 -36.18
C ASP E 172 -26.38 8.47 -35.95
N SER E 173 -26.40 7.65 -34.90
CA SER E 173 -27.58 6.98 -34.36
C SER E 173 -28.14 5.89 -35.27
N THR E 174 -27.36 5.38 -36.21
CA THR E 174 -27.84 4.38 -37.17
C THR E 174 -27.30 2.99 -36.80
N TYR E 175 -27.76 2.00 -37.55
CA TYR E 175 -27.33 0.62 -37.39
C TYR E 175 -26.53 0.18 -38.60
N SER E 176 -25.71 -0.85 -38.40
CA SER E 176 -24.97 -1.50 -39.47
C SER E 176 -25.21 -3.01 -39.38
N LEU E 177 -25.36 -3.63 -40.55
CA LEU E 177 -25.63 -5.06 -40.64
C LEU E 177 -24.69 -5.71 -41.63
N SER E 178 -24.27 -6.93 -41.31
CA SER E 178 -23.47 -7.76 -42.20
C SER E 178 -24.24 -9.04 -42.49
N SER E 179 -24.12 -9.52 -43.72
CA SER E 179 -24.73 -10.78 -44.14
C SER E 179 -23.67 -11.61 -44.84
N THR E 180 -23.39 -12.79 -44.29
CA THR E 180 -22.38 -13.67 -44.83
C THR E 180 -23.06 -14.91 -45.42
N LEU E 181 -22.83 -15.14 -46.72
CA LEU E 181 -23.34 -16.30 -47.42
C LEU E 181 -22.17 -17.26 -47.68
N THR E 182 -22.26 -18.47 -47.14
CA THR E 182 -21.18 -19.44 -47.23
C THR E 182 -21.60 -20.62 -48.08
N LEU E 183 -20.71 -21.06 -48.97
CA LEU E 183 -20.95 -22.23 -49.81
C LEU E 183 -19.61 -22.83 -50.21
N SER E 184 -19.68 -24.05 -50.76
CA SER E 184 -18.48 -24.75 -51.15
C SER E 184 -17.87 -24.11 -52.40
N LYS E 185 -16.55 -24.31 -52.56
CA LYS E 185 -15.86 -23.77 -53.72
C LYS E 185 -16.43 -24.34 -55.01
N ALA E 186 -16.73 -25.65 -55.03
CA ALA E 186 -17.31 -26.26 -56.22
C ALA E 186 -18.66 -25.62 -56.55
N ASP E 187 -19.45 -25.29 -55.52
CA ASP E 187 -20.71 -24.59 -55.76
C ASP E 187 -20.48 -23.16 -56.22
N TYR E 188 -19.44 -22.49 -55.70
CA TYR E 188 -19.18 -21.11 -56.08
C TYR E 188 -18.80 -21.01 -57.56
N GLU E 189 -17.98 -21.93 -58.06
CA GLU E 189 -17.60 -21.91 -59.46
C GLU E 189 -18.70 -22.44 -60.36
N LYS E 190 -19.74 -23.06 -59.80
CA LYS E 190 -20.84 -23.58 -60.60
C LYS E 190 -21.73 -22.46 -61.11
N HIS E 191 -21.77 -21.33 -60.40
CA HIS E 191 -22.66 -20.22 -60.72
C HIS E 191 -21.85 -18.99 -61.11
N LYS E 192 -22.56 -17.99 -61.66
CA LYS E 192 -21.95 -16.80 -62.25
C LYS E 192 -22.31 -15.51 -61.54
N VAL E 193 -23.60 -15.29 -61.26
CA VAL E 193 -24.08 -14.03 -60.73
C VAL E 193 -24.40 -14.19 -59.25
N TYR E 194 -23.89 -13.28 -58.43
CA TYR E 194 -24.14 -13.27 -56.99
C TYR E 194 -24.68 -11.90 -56.61
N ALA E 195 -25.85 -11.88 -55.95
CA ALA E 195 -26.54 -10.64 -55.64
C ALA E 195 -27.02 -10.65 -54.20
N CYS E 196 -27.10 -9.47 -53.62
CA CYS E 196 -27.59 -9.27 -52.26
C CYS E 196 -28.67 -8.22 -52.29
N GLU E 197 -29.88 -8.58 -51.86
CA GLU E 197 -31.05 -7.72 -51.95
C GLU E 197 -31.48 -7.26 -50.57
N VAL E 198 -31.70 -5.95 -50.43
CA VAL E 198 -32.14 -5.34 -49.18
C VAL E 198 -33.50 -4.70 -49.40
N THR E 199 -34.47 -5.05 -48.56
CA THR E 199 -35.83 -4.54 -48.68
C THR E 199 -36.17 -3.73 -47.43
N GLN E 200 -36.47 -2.46 -47.63
CA GLN E 200 -36.85 -1.56 -46.55
C GLN E 200 -38.09 -0.80 -47.01
N GLY E 201 -39.26 -1.18 -46.48
CA GLY E 201 -40.50 -0.55 -46.85
C GLY E 201 -40.91 -0.82 -48.28
N THR E 202 -41.00 0.24 -49.08
CA THR E 202 -41.40 0.12 -50.48
C THR E 202 -40.23 0.09 -51.44
N THR E 203 -39.00 0.08 -50.94
CA THR E 203 -37.80 0.12 -51.77
C THR E 203 -36.97 -1.15 -51.56
N SER E 204 -36.35 -1.62 -52.65
CA SER E 204 -35.46 -2.77 -52.59
C SER E 204 -34.27 -2.51 -53.48
N VAL E 205 -33.07 -2.55 -52.91
CA VAL E 205 -31.82 -2.31 -53.63
C VAL E 205 -31.05 -3.62 -53.72
N THR E 206 -30.47 -3.89 -54.89
CA THR E 206 -29.74 -5.13 -55.13
C THR E 206 -28.37 -4.81 -55.70
N LYS E 207 -27.33 -5.14 -54.94
CA LYS E 207 -25.95 -5.02 -55.40
C LYS E 207 -25.43 -6.40 -55.77
N SER E 208 -24.71 -6.48 -56.88
CA SER E 208 -24.31 -7.76 -57.45
C SER E 208 -22.92 -7.67 -58.05
N PHE E 209 -22.37 -8.84 -58.40
CA PHE E 209 -21.10 -8.92 -59.11
C PHE E 209 -21.07 -10.21 -59.91
N ASN E 210 -20.24 -10.22 -60.95
CA ASN E 210 -20.05 -11.39 -61.79
C ASN E 210 -18.74 -12.07 -61.40
N ARG E 211 -18.80 -13.39 -61.24
CA ARG E 211 -17.63 -14.16 -60.81
C ARG E 211 -16.51 -14.05 -61.82
N GLY E 212 -15.28 -13.93 -61.32
CA GLY E 212 -14.11 -13.80 -62.15
C GLY E 212 -13.92 -12.43 -62.78
N GLU E 213 -14.41 -11.37 -62.16
CA GLU E 213 -14.20 -10.01 -62.64
C GLU E 213 -14.01 -9.04 -61.48
N ASN F 2 -49.18 -21.50 11.17
CA ASN F 2 -47.72 -21.65 11.20
C ASN F 2 -47.09 -20.77 12.28
N LEU F 3 -46.33 -21.40 13.17
CA LEU F 3 -45.68 -20.67 14.26
C LEU F 3 -44.57 -19.77 13.70
N CYS F 4 -44.24 -18.74 14.48
CA CYS F 4 -43.20 -17.81 14.05
C CYS F 4 -41.85 -18.22 14.61
N PRO F 5 -40.77 -18.05 13.83
CA PRO F 5 -39.43 -18.43 14.31
C PRO F 5 -38.76 -17.31 15.11
N PHE F 6 -39.37 -16.97 16.24
CA PHE F 6 -38.76 -15.96 17.12
C PHE F 6 -37.50 -16.49 17.80
N GLY F 7 -37.42 -17.80 18.01
CA GLY F 7 -36.22 -18.39 18.58
C GLY F 7 -35.02 -18.31 17.68
N GLU F 8 -35.22 -18.12 16.38
CA GLU F 8 -34.11 -17.93 15.46
C GLU F 8 -33.46 -16.56 15.62
N VAL F 9 -34.16 -15.61 16.22
CA VAL F 9 -33.64 -14.26 16.42
C VAL F 9 -33.16 -14.05 17.85
N PHE F 10 -33.99 -14.42 18.83
CA PHE F 10 -33.63 -14.21 20.22
C PHE F 10 -32.55 -15.20 20.69
N ASN F 11 -32.67 -16.46 20.29
CA ASN F 11 -31.75 -17.51 20.73
C ASN F 11 -30.78 -17.94 19.64
N ALA F 12 -30.34 -17.01 18.80
CA ALA F 12 -29.37 -17.31 17.77
C ALA F 12 -27.96 -17.41 18.38
N THR F 13 -27.09 -18.12 17.68
CA THR F 13 -25.74 -18.36 18.19
C THR F 13 -24.92 -17.07 18.23
N ARG F 14 -24.89 -16.32 17.12
CA ARG F 14 -24.07 -15.13 17.00
C ARG F 14 -24.93 -13.92 16.70
N PHE F 15 -24.63 -12.80 17.34
CA PHE F 15 -25.40 -11.58 17.18
C PHE F 15 -24.47 -10.48 16.66
N ALA F 16 -25.04 -9.58 15.87
CA ALA F 16 -24.28 -8.54 15.20
C ALA F 16 -23.90 -7.43 16.17
N SER F 17 -22.93 -6.63 15.76
CA SER F 17 -22.54 -5.43 16.49
C SER F 17 -23.57 -4.35 16.21
N VAL F 18 -23.31 -3.14 16.68
CA VAL F 18 -24.28 -2.06 16.51
C VAL F 18 -24.08 -1.30 15.21
N TYR F 19 -22.84 -1.15 14.75
CA TYR F 19 -22.62 -0.49 13.46
C TYR F 19 -23.12 -1.34 12.31
N ALA F 20 -23.30 -2.64 12.52
CA ALA F 20 -23.72 -3.59 11.50
C ALA F 20 -24.91 -4.40 11.98
N TRP F 21 -25.92 -3.72 12.52
CA TRP F 21 -27.05 -4.41 13.14
C TRP F 21 -27.78 -5.32 12.15
N ASN F 22 -28.22 -6.47 12.65
CA ASN F 22 -28.86 -7.48 11.82
C ASN F 22 -30.28 -7.05 11.45
N ARG F 23 -30.93 -7.86 10.62
CA ARG F 23 -32.26 -7.58 10.10
C ARG F 23 -32.93 -8.88 9.73
N LYS F 24 -34.25 -8.93 9.92
CA LYS F 24 -35.02 -10.13 9.58
C LYS F 24 -36.45 -9.73 9.28
N ARG F 25 -36.97 -10.21 8.14
CA ARG F 25 -38.33 -9.91 7.71
C ARG F 25 -39.27 -10.98 8.25
N ILE F 26 -40.39 -10.54 8.81
CA ILE F 26 -41.36 -11.43 9.46
C ILE F 26 -42.68 -11.34 8.70
N SER F 27 -43.13 -12.49 8.19
CA SER F 27 -44.39 -12.54 7.48
C SER F 27 -44.91 -13.97 7.52
N ASN F 28 -46.23 -14.11 7.39
CA ASN F 28 -46.90 -15.41 7.36
C ASN F 28 -46.58 -16.24 8.61
N CYS F 29 -46.99 -15.71 9.76
CA CYS F 29 -46.84 -16.43 11.02
C CYS F 29 -47.81 -15.86 12.05
N VAL F 30 -48.16 -16.69 13.04
CA VAL F 30 -48.96 -16.28 14.20
C VAL F 30 -48.26 -16.72 15.48
N ALA F 31 -47.83 -15.76 16.30
CA ALA F 31 -47.09 -16.02 17.52
C ALA F 31 -47.79 -15.43 18.73
N ASP F 32 -47.62 -16.07 19.89
CA ASP F 32 -48.21 -15.61 21.15
C ASP F 32 -47.21 -14.66 21.79
N TYR F 33 -47.35 -13.37 21.50
CA TYR F 33 -46.42 -12.36 22.00
C TYR F 33 -46.48 -12.18 23.52
N SER F 34 -47.48 -12.74 24.19
CA SER F 34 -47.50 -12.65 25.65
C SER F 34 -46.48 -13.58 26.29
N VAL F 35 -46.09 -14.65 25.62
CA VAL F 35 -45.04 -15.50 26.20
C VAL F 35 -43.70 -14.76 26.21
N LEU F 36 -43.51 -13.80 25.31
CA LEU F 36 -42.31 -12.99 25.37
C LEU F 36 -42.37 -11.97 26.51
N TYR F 37 -43.48 -11.25 26.64
CA TYR F 37 -43.60 -10.29 27.73
C TYR F 37 -43.63 -11.00 29.09
N ASN F 38 -44.30 -12.15 29.17
CA ASN F 38 -44.43 -12.82 30.46
C ASN F 38 -43.12 -13.45 30.90
N SER F 39 -42.30 -13.91 29.96
CA SER F 39 -41.00 -14.46 30.31
C SER F 39 -40.12 -13.37 30.90
N ALA F 40 -39.32 -13.74 31.90
CA ALA F 40 -38.55 -12.77 32.66
C ALA F 40 -37.19 -12.45 32.05
N SER F 41 -36.81 -13.11 30.95
CA SER F 41 -35.48 -12.92 30.39
C SER F 41 -35.38 -11.63 29.57
N PHE F 42 -35.85 -10.53 30.12
CA PHE F 42 -35.87 -9.25 29.42
C PHE F 42 -35.86 -8.14 30.47
N SER F 43 -34.80 -7.32 30.47
CA SER F 43 -34.75 -6.19 31.38
C SER F 43 -35.49 -4.97 30.83
N THR F 44 -35.92 -5.00 29.57
CA THR F 44 -36.67 -3.90 28.98
C THR F 44 -37.64 -4.46 27.95
N PHE F 45 -38.91 -4.04 28.04
CA PHE F 45 -39.93 -4.44 27.07
C PHE F 45 -40.81 -3.26 26.71
N LYS F 46 -40.23 -2.07 26.61
CA LYS F 46 -41.01 -0.87 26.34
C LYS F 46 -41.48 -0.82 24.90
N CYS F 47 -42.75 -0.48 24.71
CA CYS F 47 -43.37 -0.36 23.39
C CYS F 47 -43.97 1.02 23.20
N TYR F 48 -44.05 1.44 21.94
CA TYR F 48 -44.53 2.76 21.57
C TYR F 48 -45.68 2.62 20.58
N GLY F 49 -46.74 3.40 20.80
CA GLY F 49 -47.90 3.33 19.90
C GLY F 49 -48.85 2.18 20.17
N VAL F 50 -48.32 0.97 20.32
CA VAL F 50 -49.11 -0.21 20.62
C VAL F 50 -48.75 -0.68 22.03
N SER F 51 -49.76 -0.84 22.87
CA SER F 51 -49.52 -1.30 24.23
C SER F 51 -48.99 -2.73 24.20
N PRO F 52 -48.06 -3.08 25.10
CA PRO F 52 -47.48 -4.42 25.09
C PRO F 52 -48.41 -5.51 25.62
N THR F 53 -49.68 -5.17 25.85
CA THR F 53 -50.69 -6.10 26.33
C THR F 53 -51.69 -6.50 25.25
N LYS F 54 -52.04 -5.58 24.36
CA LYS F 54 -52.98 -5.85 23.28
C LYS F 54 -52.27 -6.15 21.96
N LEU F 55 -51.05 -6.67 22.02
CA LEU F 55 -50.36 -7.06 20.80
C LEU F 55 -51.03 -8.26 20.13
N ASN F 56 -51.47 -9.24 20.92
CA ASN F 56 -52.06 -10.45 20.37
C ASN F 56 -53.38 -10.21 19.67
N ASP F 57 -54.09 -9.13 20.01
CA ASP F 57 -55.37 -8.79 19.40
C ASP F 57 -55.22 -7.86 18.20
N LEU F 58 -54.02 -7.78 17.61
CA LEU F 58 -53.72 -7.00 16.41
C LEU F 58 -53.01 -7.84 15.38
N CYS F 59 -53.03 -7.32 14.16
CA CYS F 59 -52.30 -7.88 13.03
C CYS F 59 -51.53 -6.77 12.33
N PHE F 60 -50.47 -7.15 11.62
CA PHE F 60 -49.60 -6.17 10.99
C PHE F 60 -49.37 -6.52 9.53
N THR F 61 -49.28 -5.48 8.70
CA THR F 61 -49.00 -5.71 7.29
C THR F 61 -47.64 -6.37 7.08
N ASN F 62 -46.68 -6.09 7.97
CA ASN F 62 -45.34 -6.63 7.90
C ASN F 62 -44.58 -6.21 9.15
N VAL F 63 -43.62 -7.06 9.56
CA VAL F 63 -42.86 -6.84 10.79
C VAL F 63 -41.39 -7.07 10.47
N TYR F 64 -40.53 -6.18 10.99
CA TYR F 64 -39.09 -6.26 10.80
C TYR F 64 -38.40 -6.29 12.15
N ALA F 65 -37.43 -7.19 12.32
CA ALA F 65 -36.71 -7.34 13.58
C ALA F 65 -35.24 -7.07 13.38
N ASP F 66 -34.67 -6.20 14.22
CA ASP F 66 -33.26 -5.85 14.19
C ASP F 66 -32.60 -6.25 15.50
N SER F 67 -31.49 -6.99 15.42
CA SER F 67 -30.78 -7.49 16.58
C SER F 67 -29.34 -6.98 16.57
N PHE F 68 -28.86 -6.53 17.72
CA PHE F 68 -27.51 -6.02 17.87
C PHE F 68 -27.12 -6.08 19.34
N VAL F 69 -25.91 -5.60 19.65
CA VAL F 69 -25.36 -5.66 21.00
C VAL F 69 -24.78 -4.30 21.35
N ILE F 70 -25.28 -3.69 22.42
CA ILE F 70 -24.73 -2.44 22.95
C ILE F 70 -24.26 -2.68 24.38
N ARG F 71 -23.74 -1.66 25.04
CA ARG F 71 -23.24 -1.78 26.40
C ARG F 71 -24.00 -0.85 27.32
N GLY F 72 -24.46 -1.40 28.46
CA GLY F 72 -24.82 -0.63 29.62
C GLY F 72 -25.75 0.55 29.45
N ASP F 73 -25.20 1.75 29.58
CA ASP F 73 -25.96 2.99 29.63
C ASP F 73 -26.38 3.50 28.26
N GLU F 74 -26.43 2.63 27.25
CA GLU F 74 -26.88 3.01 25.91
C GLU F 74 -28.21 2.36 25.55
N VAL F 75 -28.85 1.63 26.47
CA VAL F 75 -30.17 1.09 26.20
C VAL F 75 -31.20 2.20 26.06
N ARG F 76 -31.04 3.27 26.85
CA ARG F 76 -31.93 4.42 26.72
C ARG F 76 -31.79 5.16 25.40
N GLN F 77 -30.73 4.88 24.63
CA GLN F 77 -30.56 5.49 23.33
C GLN F 77 -31.37 4.79 22.25
N ILE F 78 -31.89 3.60 22.50
CA ILE F 78 -32.74 2.89 21.54
C ILE F 78 -34.18 3.30 21.87
N ALA F 79 -34.61 4.43 21.31
CA ALA F 79 -35.90 5.04 21.58
C ALA F 79 -36.08 6.21 20.61
N PRO F 80 -37.28 6.79 20.49
CA PRO F 80 -37.43 7.97 19.65
C PRO F 80 -37.12 9.26 20.39
N GLY F 81 -36.44 10.18 19.69
CA GLY F 81 -36.25 11.52 20.20
C GLY F 81 -35.11 11.70 21.19
N GLN F 82 -33.89 11.37 20.78
CA GLN F 82 -32.72 11.57 21.63
C GLN F 82 -31.48 11.57 20.75
N THR F 83 -30.35 11.91 21.37
CA THR F 83 -29.07 12.07 20.68
C THR F 83 -28.02 11.22 21.37
N GLY F 84 -26.83 11.19 20.78
CA GLY F 84 -25.72 10.44 21.32
C GLY F 84 -24.96 9.66 20.27
N LYS F 85 -23.83 9.06 20.65
CA LYS F 85 -23.01 8.35 19.69
C LYS F 85 -23.75 7.14 19.11
N ILE F 86 -24.50 6.42 19.94
CA ILE F 86 -25.29 5.30 19.45
C ILE F 86 -26.43 5.81 18.57
N ALA F 87 -27.09 6.88 19.00
CA ALA F 87 -28.29 7.35 18.31
C ALA F 87 -27.95 8.08 17.01
N ASP F 88 -26.85 8.81 16.98
CA ASP F 88 -26.53 9.65 15.83
C ASP F 88 -25.60 8.99 14.83
N TYR F 89 -24.82 7.97 15.24
CA TYR F 89 -23.84 7.36 14.37
C TYR F 89 -24.04 5.87 14.12
N ASN F 90 -24.82 5.18 14.95
CA ASN F 90 -24.97 3.74 14.82
C ASN F 90 -26.40 3.30 14.53
N TYR F 91 -27.36 3.73 15.34
CA TYR F 91 -28.75 3.34 15.16
C TYR F 91 -29.64 4.52 15.51
N LYS F 92 -30.43 4.98 14.54
CA LYS F 92 -31.36 6.08 14.74
C LYS F 92 -32.79 5.59 14.51
N LEU F 93 -33.71 6.07 15.34
CA LEU F 93 -35.11 5.72 15.25
C LEU F 93 -35.95 6.95 14.94
N PRO F 94 -36.94 6.83 14.06
CA PRO F 94 -37.78 7.99 13.73
C PRO F 94 -38.61 8.43 14.92
N ASP F 95 -38.96 9.72 14.92
CA ASP F 95 -39.77 10.27 16.01
C ASP F 95 -41.14 9.61 16.08
N ASP F 96 -41.74 9.33 14.92
CA ASP F 96 -43.04 8.66 14.86
C ASP F 96 -42.85 7.13 14.80
N PHE F 97 -42.28 6.60 15.88
CA PHE F 97 -41.97 5.19 16.00
C PHE F 97 -43.15 4.48 16.64
N THR F 98 -43.62 3.40 15.99
CA THR F 98 -44.73 2.59 16.47
C THR F 98 -44.27 1.13 16.53
N GLY F 99 -43.74 0.71 17.68
CA GLY F 99 -43.23 -0.65 17.84
C GLY F 99 -42.76 -0.97 19.24
N CYS F 100 -41.70 -1.75 19.38
CA CYS F 100 -41.21 -2.17 20.69
C CYS F 100 -39.69 -2.19 20.72
N VAL F 101 -39.15 -2.18 21.94
CA VAL F 101 -37.71 -2.25 22.20
C VAL F 101 -37.48 -3.26 23.31
N ILE F 102 -36.63 -4.24 23.06
CA ILE F 102 -36.34 -5.32 24.00
C ILE F 102 -34.83 -5.43 24.19
N ALA F 103 -34.39 -5.64 25.43
CA ALA F 103 -32.97 -5.79 25.73
C ALA F 103 -32.81 -6.68 26.95
N TRP F 104 -31.76 -7.51 26.94
CA TRP F 104 -31.48 -8.42 28.05
C TRP F 104 -29.98 -8.54 28.25
N ASN F 105 -29.60 -9.00 29.44
CA ASN F 105 -28.20 -9.13 29.82
C ASN F 105 -27.59 -10.40 29.24
N SER F 106 -26.33 -10.28 28.80
CA SER F 106 -25.58 -11.38 28.19
C SER F 106 -24.20 -11.49 28.81
N ASN F 107 -24.16 -11.53 30.15
CA ASN F 107 -22.88 -11.48 30.86
C ASN F 107 -21.96 -12.62 30.46
N ASN F 108 -22.48 -13.84 30.41
CA ASN F 108 -21.65 -15.02 30.19
C ASN F 108 -21.36 -15.30 28.72
N LEU F 109 -21.97 -14.55 27.79
CA LEU F 109 -21.82 -14.84 26.37
C LEU F 109 -20.89 -13.87 25.66
N ASP F 110 -21.13 -12.56 25.80
CA ASP F 110 -20.41 -11.54 25.04
C ASP F 110 -19.34 -10.83 25.87
N SER F 111 -18.88 -11.45 26.95
CA SER F 111 -17.90 -10.82 27.81
C SER F 111 -16.87 -11.85 28.24
N LYS F 112 -15.60 -11.46 28.22
CA LYS F 112 -14.52 -12.34 28.62
C LYS F 112 -13.54 -11.58 29.50
N VAL F 113 -12.69 -12.35 30.20
CA VAL F 113 -11.83 -11.80 31.24
C VAL F 113 -10.89 -10.75 30.65
N GLY F 114 -10.24 -11.08 29.54
CA GLY F 114 -9.35 -10.12 28.90
C GLY F 114 -10.04 -9.06 28.07
N GLY F 115 -11.33 -9.21 27.84
CA GLY F 115 -12.06 -8.26 27.03
C GLY F 115 -12.51 -8.91 25.72
N ASN F 116 -13.76 -8.68 25.36
CA ASN F 116 -14.32 -9.18 24.10
C ASN F 116 -14.27 -8.04 23.09
N TYR F 117 -13.30 -8.09 22.18
CA TYR F 117 -13.06 -7.03 21.21
C TYR F 117 -13.69 -7.34 19.86
N ASN F 118 -14.66 -8.25 19.81
CA ASN F 118 -15.34 -8.60 18.58
C ASN F 118 -16.61 -7.80 18.34
N TYR F 119 -16.93 -6.85 19.22
CA TYR F 119 -18.10 -6.01 19.10
C TYR F 119 -17.66 -4.57 18.89
N LEU F 120 -18.12 -3.95 17.82
CA LEU F 120 -17.69 -2.63 17.39
C LEU F 120 -18.85 -1.64 17.49
N TYR F 121 -18.51 -0.36 17.41
CA TYR F 121 -19.51 0.69 17.29
C TYR F 121 -18.87 1.90 16.61
N ARG F 122 -19.69 2.63 15.86
CA ARG F 122 -19.19 3.78 15.10
C ARG F 122 -19.10 4.99 16.01
N LEU F 123 -17.92 5.61 16.05
CA LEU F 123 -17.69 6.78 16.88
C LEU F 123 -17.41 8.05 16.10
N PHE F 124 -16.93 7.96 14.86
CA PHE F 124 -16.74 9.12 14.00
C PHE F 124 -17.75 9.11 12.86
N ARG F 125 -18.32 10.28 12.58
CA ARG F 125 -19.16 10.48 11.40
C ARG F 125 -19.30 11.98 11.15
N LYS F 126 -19.50 12.34 9.88
CA LYS F 126 -19.61 13.75 9.52
C LYS F 126 -21.03 14.29 9.70
N SER F 127 -22.06 13.47 9.52
CA SER F 127 -23.44 13.91 9.70
C SER F 127 -24.22 12.90 10.52
N ASN F 128 -25.39 13.33 10.96
CA ASN F 128 -26.28 12.49 11.75
C ASN F 128 -26.89 11.39 10.89
N LEU F 129 -27.47 10.41 11.56
CA LEU F 129 -28.00 9.21 10.93
C LEU F 129 -29.47 9.40 10.54
N LYS F 130 -29.75 9.30 9.24
CA LYS F 130 -31.12 9.38 8.76
C LYS F 130 -31.93 8.21 9.33
N PRO F 131 -33.24 8.39 9.54
CA PRO F 131 -34.00 7.35 10.26
C PRO F 131 -33.89 5.98 9.58
N PHE F 132 -33.45 5.00 10.37
CA PHE F 132 -33.38 3.60 9.94
C PHE F 132 -32.33 3.37 8.85
N GLU F 133 -31.14 3.93 9.07
CA GLU F 133 -30.03 3.81 8.13
C GLU F 133 -28.88 3.08 8.80
N ARG F 134 -28.13 2.32 8.01
CA ARG F 134 -26.96 1.58 8.49
C ARG F 134 -25.71 2.11 7.82
N ASP F 135 -24.68 2.38 8.62
CA ASP F 135 -23.38 2.82 8.12
C ASP F 135 -22.39 1.69 8.37
N ILE F 136 -21.77 1.22 7.28
CA ILE F 136 -20.81 0.14 7.36
C ILE F 136 -19.42 0.55 6.88
N SER F 137 -19.28 1.73 6.28
CA SER F 137 -18.00 2.14 5.71
C SER F 137 -16.94 2.26 6.79
N THR F 138 -15.89 1.45 6.68
CA THR F 138 -14.73 1.54 7.55
C THR F 138 -13.69 2.51 7.02
N GLU F 139 -14.09 3.41 6.11
CA GLU F 139 -13.16 4.39 5.57
C GLU F 139 -12.68 5.32 6.67
N ILE F 140 -11.43 5.73 6.58
CA ILE F 140 -10.80 6.50 7.66
C ILE F 140 -11.41 7.90 7.73
N TYR F 141 -11.80 8.30 8.94
CA TYR F 141 -12.39 9.61 9.15
C TYR F 141 -11.33 10.70 9.07
N GLN F 142 -11.65 11.79 8.39
CA GLN F 142 -10.75 12.93 8.23
C GLN F 142 -11.10 13.96 9.31
N ALA F 143 -10.27 14.00 10.35
CA ALA F 143 -10.55 14.87 11.50
C ALA F 143 -10.01 16.28 11.33
N GLY F 144 -8.98 16.47 10.52
CA GLY F 144 -8.39 17.78 10.35
C GLY F 144 -8.53 18.34 8.95
N SER F 145 -7.68 19.31 8.59
CA SER F 145 -7.72 19.87 7.25
C SER F 145 -6.92 19.05 6.25
N THR F 146 -5.90 18.34 6.71
CA THR F 146 -5.05 17.54 5.81
C THR F 146 -5.77 16.27 5.39
N PRO F 147 -5.72 15.92 4.11
CA PRO F 147 -6.37 14.69 3.65
C PRO F 147 -5.73 13.47 4.30
N CYS F 148 -6.56 12.47 4.61
CA CYS F 148 -6.06 11.26 5.26
C CYS F 148 -5.31 10.37 4.28
N ASN F 149 -5.84 10.23 3.06
CA ASN F 149 -5.22 9.40 2.02
C ASN F 149 -5.09 7.95 2.45
N GLY F 150 -5.96 7.50 3.35
CA GLY F 150 -6.00 6.10 3.74
C GLY F 150 -5.02 5.71 4.83
N VAL F 151 -4.13 6.60 5.26
CA VAL F 151 -3.16 6.32 6.31
C VAL F 151 -3.67 6.91 7.62
N GLU F 152 -3.54 6.15 8.71
CA GLU F 152 -4.13 6.50 9.99
C GLU F 152 -3.06 7.10 10.90
N GLY F 153 -3.31 8.31 11.39
CA GLY F 153 -2.33 9.04 12.16
C GLY F 153 -2.88 10.31 12.78
N PHE F 154 -2.12 11.40 12.70
CA PHE F 154 -2.57 12.66 13.28
C PHE F 154 -3.80 13.17 12.54
N ASN F 155 -4.84 13.52 13.31
CA ASN F 155 -6.12 14.00 12.76
C ASN F 155 -6.67 13.05 11.70
N CYS F 156 -6.33 11.76 11.84
CA CYS F 156 -6.78 10.72 10.91
C CYS F 156 -6.97 9.45 11.74
N TYR F 157 -8.20 9.24 12.19
CA TYR F 157 -8.50 8.21 13.17
C TYR F 157 -9.44 7.17 12.57
N PHE F 158 -9.31 5.94 13.05
CA PHE F 158 -10.18 4.87 12.59
C PHE F 158 -11.61 5.14 13.06
N PRO F 159 -12.61 5.03 12.18
CA PRO F 159 -13.98 5.37 12.58
C PRO F 159 -14.55 4.44 13.64
N LEU F 160 -14.04 3.21 13.74
CA LEU F 160 -14.58 2.22 14.66
C LEU F 160 -13.75 2.16 15.94
N GLN F 161 -14.40 1.78 17.03
CA GLN F 161 -13.76 1.59 18.32
C GLN F 161 -14.22 0.26 18.91
N SER F 162 -13.29 -0.52 19.43
CA SER F 162 -13.60 -1.85 19.92
C SER F 162 -14.15 -1.78 21.35
N TYR F 163 -15.35 -2.33 21.54
CA TYR F 163 -15.98 -2.41 22.85
C TYR F 163 -15.15 -3.23 23.82
N GLY F 164 -15.01 -2.74 25.05
CA GLY F 164 -14.20 -3.39 26.07
C GLY F 164 -14.75 -4.70 26.61
N PHE F 165 -15.88 -4.62 27.31
CA PHE F 165 -16.71 -5.79 27.61
C PHE F 165 -16.02 -6.80 28.51
N GLN F 166 -15.70 -6.40 29.74
CA GLN F 166 -15.25 -7.32 30.77
C GLN F 166 -16.36 -7.61 31.77
N PRO F 167 -16.50 -8.86 32.22
CA PRO F 167 -17.58 -9.18 33.17
C PRO F 167 -17.36 -8.61 34.56
N THR F 168 -16.13 -8.26 34.92
CA THR F 168 -15.85 -7.71 36.24
C THR F 168 -16.18 -6.23 36.37
N ASN F 169 -16.55 -5.57 35.28
CA ASN F 169 -16.87 -4.16 35.32
C ASN F 169 -18.30 -3.95 35.79
N GLY F 170 -18.67 -2.68 35.97
CA GLY F 170 -20.01 -2.35 36.37
C GLY F 170 -21.04 -2.72 35.33
N VAL F 171 -22.29 -2.88 35.79
CA VAL F 171 -23.37 -3.26 34.89
C VAL F 171 -23.62 -2.19 33.84
N GLY F 172 -23.15 -0.97 34.08
CA GLY F 172 -23.16 0.07 33.06
C GLY F 172 -22.27 -0.21 31.86
N TYR F 173 -21.52 -1.31 31.90
CA TYR F 173 -20.69 -1.71 30.77
C TYR F 173 -21.03 -3.09 30.22
N GLN F 174 -22.05 -3.76 30.76
CA GLN F 174 -22.35 -5.13 30.35
C GLN F 174 -22.94 -5.17 28.95
N PRO F 175 -22.74 -6.28 28.23
CA PRO F 175 -23.44 -6.47 26.95
C PRO F 175 -24.95 -6.50 27.16
N TYR F 176 -25.67 -5.91 26.20
CA TYR F 176 -27.14 -5.88 26.24
C TYR F 176 -27.65 -6.09 24.81
N ARG F 177 -28.01 -7.33 24.50
CA ARG F 177 -28.50 -7.68 23.18
C ARG F 177 -29.92 -7.14 22.97
N VAL F 178 -30.07 -6.24 22.00
CA VAL F 178 -31.32 -5.51 21.76
C VAL F 178 -32.02 -6.06 20.52
N VAL F 179 -33.35 -6.17 20.60
CA VAL F 179 -34.19 -6.58 19.48
C VAL F 179 -35.28 -5.53 19.27
N VAL F 180 -35.28 -4.89 18.10
CA VAL F 180 -36.19 -3.80 17.78
C VAL F 180 -37.02 -4.17 16.56
N LEU F 181 -38.32 -4.09 16.74
CA LEU F 181 -39.32 -4.17 15.68
C LEU F 181 -40.31 -3.02 15.85
N SER F 182 -40.55 -2.31 14.76
CA SER F 182 -41.82 -1.61 14.62
C SER F 182 -42.77 -2.41 13.71
N PHE F 183 -44.04 -2.13 13.89
CA PHE F 183 -45.09 -2.69 13.08
C PHE F 183 -45.62 -1.63 12.10
N GLU F 184 -45.72 -2.01 10.82
CA GLU F 184 -46.18 -1.12 9.78
C GLU F 184 -47.63 -0.69 10.02
N ALA F 188 -51.61 -3.35 0.45
CA ALA F 188 -50.75 -3.94 1.48
C ALA F 188 -51.43 -5.13 2.14
N PRO F 189 -50.97 -6.34 1.83
CA PRO F 189 -51.58 -7.54 2.42
C PRO F 189 -51.22 -7.71 3.89
N ALA F 190 -52.23 -7.97 4.72
CA ALA F 190 -51.99 -8.37 6.10
C ALA F 190 -51.17 -9.65 6.13
N THR F 191 -50.11 -9.67 6.92
CA THR F 191 -49.24 -10.84 6.99
C THR F 191 -49.21 -11.50 8.36
N VAL F 192 -48.85 -10.78 9.41
CA VAL F 192 -48.66 -11.35 10.74
C VAL F 192 -49.84 -10.95 11.62
N CYS F 193 -50.26 -11.88 12.49
CA CYS F 193 -51.39 -11.66 13.38
C CYS F 193 -51.03 -12.07 14.80
#